data_8WCX
#
_entry.id   8WCX
#
_cell.length_a   1.00
_cell.length_b   1.00
_cell.length_c   1.00
_cell.angle_alpha   90.00
_cell.angle_beta   90.00
_cell.angle_gamma   90.00
#
_symmetry.space_group_name_H-M   'P 1'
#
loop_
_entity.id
_entity.type
_entity.pdbx_description
1 polymer 'Transmembrane ATP-binding protein ABC transporter'
2 polymer 'ABC transporter transmembrane region'
3 non-polymer 'PHOSPHOAMINOPHOSPHONIC ACID-ADENYLATE ESTER'
4 non-polymer 'MAGNESIUM ION'
#
loop_
_entity_poly.entity_id
_entity_poly.type
_entity_poly.pdbx_seq_one_letter_code
_entity_poly.pdbx_strand_id
1 'polypeptide(L)'
;SYFQSNMLWALLRQYVRPYRWLLAVVAVLQVISNMASLYLPTVNAAIIDDGVAKGDTARIVELGAVMLGVTALQVVCAVG
AVFFGARAATGFGHDLRAAVFTHVTTFSAEEAGRFGAASLLTRTTNDVGHIQQLVQLTVTMLITAPIMSIGGIFMALHQD
AGLSWLLLVSVPVLGLANYWIIRHLMPVFTRMQSLIDGINRVLRDQLSGIRVIRAFAREPLERVRFAEANQTLSDSALEA
GRWQALMLPVTTLVINVSSVALIWFGGLRIDAGQMQVGSLIAFLAYFMQILMAVLMATFMLVIFPRAAVCADRIGEVLST
QTAITNPADPVRPAAIAGDIGVHDATFCYPGADRPVLQDVSFTVPRGTTTAVVGSTGSGKSTLISLICRLYDVTSGSLRI
DGVDVRDLDIEQLWSAIGLVPQRGYLFSGTVAENLRYGRADATDDEMWEALRVAAAADFVRAHPQGLDMPVAQGGINFSG
GQRQRLAIARAVIRRPAIYLFDDAFSALDVHTDARVRDALREVAADATVVIVSQRISTVIEADQVVVIDDGRVVGIGTHD
TLLADCPIYAEFAESQALTAGEPR
;
A
2 'polypeptide(L)'
;MRRGALPQAPLERTRDFKGSAIRLARRLLPQRALTLAVILLGVGGIAIGVIGPRILGHATDLLFNGVIGRELPAGLTKEQ
AVEAARARGDGTFADLLSGMDIVPGQGVDFGAVGRTLALALGLYLVAALLVWVQARLLNVTVQRTMVALRAEVQEKIHRL
PLSYFDSRQRGEVLSRVTNDVDNIQNSVSMTISQLLTSVLTVFAVLVMMLTISPLLTLFTVVTVPASLWVTRWITRRSQP
LFVAQWRNTGRLAAHLEETYSGFTIVKTFGHREAAAGKFAELNSETQQSSFGAQFFSGLVSPATMFIGNLSYVAVAVVGG
LQVATGQITLGSIQAFIQYVRQFNQPLTQVAGMYNTLQSGIASAERVFDLLDTEEESADSPRRADVRTGRVEFEHVSFSY
VPGTPVIEDLSLVAEPGSTVAIVGPTGAGKTTLVNLLMRFYDVDSGRITIDGVDIASVSRESLRASIGMVLQDTWLFAGT
IYDNIAYGRPDADEDEVIEAATAAYVDRFVHTLPNGYDTRVDDDGGAISAGEKQLITIARAVLARPKLLVLDEATSSVDT
RTELLIAHAMAELRRDRTSFIIAHRLSTIRDADLILVMDSGRIIERGTHEELLARHGRYWEMTRVHLGGIKAFHHHHHHH
HHH
;
B
#
loop_
_chem_comp.id
_chem_comp.type
_chem_comp.name
_chem_comp.formula
ANP non-polymer 'PHOSPHOAMINOPHOSPHONIC ACID-ADENYLATE ESTER' 'C10 H17 N6 O12 P3'
MG non-polymer 'MAGNESIUM ION' 'Mg 2'
#
# COMPACT_ATOMS: atom_id res chain seq x y z
N SER A 5 17.68 -1.91 -14.46
CA SER A 5 18.98 -1.34 -14.14
C SER A 5 20.02 -2.42 -13.91
N ASN A 6 20.92 -2.17 -12.96
CA ASN A 6 22.00 -3.11 -12.64
C ASN A 6 21.70 -3.95 -11.39
N MET A 7 21.16 -3.32 -10.34
CA MET A 7 20.90 -4.05 -9.11
C MET A 7 19.83 -5.12 -9.30
N LEU A 8 18.83 -4.82 -10.14
CA LEU A 8 17.74 -5.76 -10.35
C LEU A 8 18.24 -7.08 -10.93
N TRP A 9 19.12 -7.00 -11.93
CA TRP A 9 19.60 -8.22 -12.58
C TRP A 9 20.41 -9.07 -11.60
N ALA A 10 21.07 -8.39 -10.69
CA ALA A 10 21.88 -9.06 -9.70
C ALA A 10 20.97 -9.86 -8.84
N LEU A 11 19.88 -9.24 -8.42
CA LEU A 11 18.94 -9.90 -7.56
C LEU A 11 18.42 -11.13 -8.21
N LEU A 12 17.98 -10.98 -9.44
CA LEU A 12 17.44 -12.09 -10.17
C LEU A 12 18.42 -13.22 -10.25
N ARG A 13 19.59 -12.92 -10.77
CA ARG A 13 20.57 -13.99 -10.95
C ARG A 13 20.95 -14.66 -9.64
N GLN A 14 20.73 -14.00 -8.50
CA GLN A 14 21.03 -14.64 -7.23
C GLN A 14 19.85 -15.42 -6.67
N TYR A 15 18.62 -14.93 -6.83
CA TYR A 15 17.48 -15.51 -6.14
C TYR A 15 16.54 -16.31 -7.04
N VAL A 16 16.81 -16.41 -8.33
CA VAL A 16 16.12 -17.37 -9.18
C VAL A 16 17.01 -18.57 -9.52
N ARG A 17 18.29 -18.51 -9.18
CA ARG A 17 19.18 -19.65 -9.42
C ARG A 17 18.68 -20.95 -8.78
N PRO A 18 18.12 -20.96 -7.56
CA PRO A 18 17.57 -22.22 -7.05
C PRO A 18 16.48 -22.81 -7.93
N TYR A 19 15.84 -22.02 -8.78
CA TYR A 19 14.85 -22.51 -9.74
C TYR A 19 15.36 -22.20 -11.14
N ARG A 20 16.20 -23.08 -11.67
CA ARG A 20 16.61 -23.03 -13.07
C ARG A 20 15.95 -24.08 -13.92
N TRP A 21 15.81 -25.30 -13.40
CA TRP A 21 15.15 -26.38 -14.12
C TRP A 21 13.65 -26.18 -14.20
N LEU A 22 13.07 -25.29 -13.39
CA LEU A 22 11.68 -24.91 -13.57
C LEU A 22 11.52 -23.88 -14.67
N LEU A 23 12.41 -22.89 -14.73
CA LEU A 23 12.37 -21.91 -15.81
C LEU A 23 12.67 -22.58 -17.15
N ALA A 24 13.63 -23.50 -17.18
CA ALA A 24 13.97 -24.22 -18.39
C ALA A 24 12.86 -25.18 -18.83
N VAL A 25 12.00 -25.61 -17.92
CA VAL A 25 10.84 -26.43 -18.27
C VAL A 25 9.70 -25.55 -18.76
N VAL A 26 9.48 -24.40 -18.14
CA VAL A 26 8.46 -23.47 -18.61
C VAL A 26 8.80 -22.98 -20.00
N ALA A 27 10.08 -22.68 -20.25
CA ALA A 27 10.49 -22.21 -21.56
C ALA A 27 10.25 -23.23 -22.65
N VAL A 28 10.36 -24.52 -22.35
CA VAL A 28 10.08 -25.56 -23.33
C VAL A 28 8.59 -25.79 -23.48
N LEU A 29 7.86 -25.79 -22.36
CA LEU A 29 6.42 -26.02 -22.43
C LEU A 29 5.72 -24.91 -23.20
N GLN A 30 6.12 -23.65 -22.98
CA GLN A 30 5.51 -22.55 -23.72
C GLN A 30 6.00 -22.47 -25.16
N VAL A 31 7.17 -23.02 -25.48
CA VAL A 31 7.53 -23.19 -26.88
C VAL A 31 6.61 -24.19 -27.55
N ILE A 32 6.39 -25.34 -26.90
CA ILE A 32 5.54 -26.36 -27.50
C ILE A 32 4.10 -25.87 -27.63
N SER A 33 3.59 -25.20 -26.61
CA SER A 33 2.23 -24.66 -26.67
C SER A 33 2.07 -23.61 -27.76
N ASN A 34 3.02 -22.69 -27.88
CA ASN A 34 2.96 -21.68 -28.94
C ASN A 34 3.07 -22.31 -30.32
N MET A 35 3.95 -23.28 -30.49
CA MET A 35 4.05 -23.99 -31.76
C MET A 35 2.78 -24.75 -32.09
N ALA A 36 2.14 -25.39 -31.11
CA ALA A 36 0.87 -26.04 -31.33
C ALA A 36 -0.23 -25.05 -31.72
N SER A 37 -0.27 -23.89 -31.07
CA SER A 37 -1.23 -22.86 -31.44
C SER A 37 -1.01 -22.33 -32.85
N LEU A 38 0.25 -22.18 -33.26
CA LEU A 38 0.56 -21.73 -34.61
C LEU A 38 0.42 -22.83 -35.66
N TYR A 39 0.40 -24.10 -35.24
CA TYR A 39 0.31 -25.20 -36.19
C TYR A 39 -1.12 -25.48 -36.64
N LEU A 40 -2.11 -25.12 -35.84
CA LEU A 40 -3.51 -25.28 -36.28
C LEU A 40 -3.80 -24.61 -37.60
N PRO A 41 -3.39 -23.35 -37.84
CA PRO A 41 -3.57 -22.78 -39.18
C PRO A 41 -2.84 -23.54 -40.27
N THR A 42 -1.69 -24.14 -39.96
CA THR A 42 -0.97 -24.90 -40.98
C THR A 42 -1.76 -26.11 -41.43
N VAL A 43 -2.29 -26.89 -40.49
CA VAL A 43 -3.10 -28.04 -40.88
C VAL A 43 -4.44 -27.59 -41.47
N ASN A 44 -4.94 -26.41 -41.10
CA ASN A 44 -6.12 -25.88 -41.76
C ASN A 44 -5.84 -25.58 -43.23
N ALA A 45 -4.69 -24.99 -43.51
CA ALA A 45 -4.29 -24.75 -44.90
C ALA A 45 -4.10 -26.07 -45.64
N ALA A 46 -3.53 -27.07 -44.96
CA ALA A 46 -3.39 -28.39 -45.55
C ALA A 46 -4.75 -29.00 -45.89
N ILE A 47 -5.74 -28.79 -45.01
CA ILE A 47 -7.10 -29.22 -45.30
C ILE A 47 -7.62 -28.50 -46.54
N ILE A 48 -7.39 -27.19 -46.63
CA ILE A 48 -7.94 -26.41 -47.73
C ILE A 48 -7.35 -26.85 -49.07
N ASP A 49 -6.03 -26.99 -49.14
CA ASP A 49 -5.40 -27.22 -50.43
C ASP A 49 -5.28 -28.69 -50.80
N ASP A 50 -5.15 -29.59 -49.83
CA ASP A 50 -5.11 -31.02 -50.11
C ASP A 50 -6.47 -31.68 -50.03
N GLY A 51 -7.47 -31.00 -49.49
CA GLY A 51 -8.81 -31.50 -49.37
C GLY A 51 -9.74 -30.90 -50.39
N VAL A 52 -10.46 -29.86 -49.98
CA VAL A 52 -11.42 -29.13 -50.81
C VAL A 52 -10.87 -28.87 -52.20
N ALA A 53 -9.64 -28.34 -52.27
CA ALA A 53 -9.07 -27.98 -53.56
C ALA A 53 -8.94 -29.20 -54.47
N LYS A 54 -8.47 -30.32 -53.92
CA LYS A 54 -8.34 -31.54 -54.70
C LYS A 54 -9.62 -32.37 -54.70
N GLY A 55 -10.62 -32.00 -53.91
CA GLY A 55 -11.89 -32.70 -53.88
C GLY A 55 -11.96 -33.84 -52.89
N ASP A 56 -10.86 -34.22 -52.26
CA ASP A 56 -10.87 -35.33 -51.32
C ASP A 56 -11.65 -34.95 -50.07
N THR A 57 -12.68 -35.74 -49.74
CA THR A 57 -13.49 -35.47 -48.57
C THR A 57 -13.05 -36.28 -47.35
N ALA A 58 -12.36 -37.41 -47.55
CA ALA A 58 -11.81 -38.16 -46.44
C ALA A 58 -10.55 -37.51 -45.88
N ARG A 59 -9.81 -36.77 -46.71
CA ARG A 59 -8.60 -36.11 -46.23
C ARG A 59 -8.92 -35.08 -45.16
N ILE A 60 -10.03 -34.35 -45.33
CA ILE A 60 -10.42 -33.34 -44.33
C ILE A 60 -10.75 -34.01 -43.00
N VAL A 61 -11.55 -35.08 -43.04
CA VAL A 61 -11.96 -35.73 -41.80
C VAL A 61 -10.79 -36.47 -41.15
N GLU A 62 -9.78 -36.87 -41.93
CA GLU A 62 -8.62 -37.51 -41.32
C GLU A 62 -7.60 -36.49 -40.80
N LEU A 63 -7.55 -35.29 -41.39
CA LEU A 63 -6.74 -34.22 -40.83
C LEU A 63 -7.39 -33.58 -39.62
N GLY A 64 -8.70 -33.76 -39.47
CA GLY A 64 -9.35 -33.35 -38.24
C GLY A 64 -8.80 -34.05 -37.02
N ALA A 65 -8.39 -35.31 -37.15
CA ALA A 65 -7.74 -36.01 -36.04
C ALA A 65 -6.42 -35.36 -35.68
N VAL A 66 -5.62 -34.96 -36.67
CA VAL A 66 -4.37 -34.26 -36.39
C VAL A 66 -4.64 -32.93 -35.70
N MET A 67 -5.67 -32.22 -36.18
CA MET A 67 -6.06 -30.96 -35.54
C MET A 67 -6.44 -31.19 -34.08
N LEU A 68 -7.21 -32.24 -33.81
CA LEU A 68 -7.63 -32.56 -32.45
C LEU A 68 -6.43 -32.91 -31.57
N GLY A 69 -5.49 -33.68 -32.10
CA GLY A 69 -4.29 -33.99 -31.34
C GLY A 69 -3.47 -32.76 -31.02
N VAL A 70 -3.35 -31.85 -31.99
CA VAL A 70 -2.60 -30.62 -31.76
C VAL A 70 -3.26 -29.77 -30.68
N THR A 71 -4.59 -29.61 -30.76
CA THR A 71 -5.26 -28.80 -29.75
C THR A 71 -5.32 -29.48 -28.39
N ALA A 72 -5.24 -30.81 -28.34
CA ALA A 72 -5.13 -31.50 -27.06
C ALA A 72 -3.74 -31.36 -26.45
N LEU A 73 -2.70 -31.33 -27.28
CA LEU A 73 -1.35 -31.07 -26.78
C LEU A 73 -1.19 -29.63 -26.31
N GLN A 74 -1.84 -28.69 -27.00
CA GLN A 74 -1.68 -27.28 -26.68
C GLN A 74 -2.22 -26.91 -25.31
N VAL A 75 -3.23 -27.61 -24.81
CA VAL A 75 -3.83 -27.26 -23.53
C VAL A 75 -3.00 -27.85 -22.39
N VAL A 76 -2.50 -29.08 -22.58
CA VAL A 76 -1.68 -29.67 -21.53
C VAL A 76 -0.34 -28.94 -21.43
N CYS A 77 0.25 -28.55 -22.56
CA CYS A 77 1.50 -27.81 -22.52
C CYS A 77 1.34 -26.39 -21.98
N ALA A 78 0.11 -25.90 -21.84
CA ALA A 78 -0.15 -24.61 -21.22
C ALA A 78 -0.47 -24.73 -19.73
N VAL A 79 -1.28 -25.73 -19.36
CA VAL A 79 -1.55 -25.96 -17.95
C VAL A 79 -0.35 -26.52 -17.20
N GLY A 80 0.61 -27.12 -17.91
CA GLY A 80 1.85 -27.51 -17.26
C GLY A 80 2.79 -26.33 -17.12
N ALA A 81 2.68 -25.37 -18.05
CA ALA A 81 3.51 -24.18 -17.99
C ALA A 81 3.06 -23.23 -16.89
N VAL A 82 1.76 -23.01 -16.76
CA VAL A 82 1.26 -22.12 -15.72
C VAL A 82 1.49 -22.68 -14.33
N PHE A 83 1.63 -24.01 -14.20
CA PHE A 83 1.90 -24.62 -12.91
C PHE A 83 3.34 -24.34 -12.46
N PHE A 84 4.30 -24.63 -13.32
CA PHE A 84 5.70 -24.41 -12.98
C PHE A 84 6.07 -22.93 -12.93
N GLY A 85 5.46 -22.08 -13.78
CA GLY A 85 5.75 -20.67 -13.72
C GLY A 85 5.30 -20.04 -12.42
N ALA A 86 4.27 -20.63 -11.81
CA ALA A 86 3.82 -20.18 -10.50
C ALA A 86 4.67 -20.78 -9.39
N ARG A 87 4.98 -22.07 -9.47
CA ARG A 87 5.82 -22.70 -8.46
C ARG A 87 7.21 -22.09 -8.41
N ALA A 88 7.69 -21.52 -9.52
CA ALA A 88 8.98 -20.85 -9.52
C ALA A 88 8.90 -19.41 -9.00
N ALA A 89 7.92 -18.64 -9.45
CA ALA A 89 7.78 -17.26 -9.02
C ALA A 89 7.46 -17.14 -7.54
N THR A 90 6.52 -17.95 -7.04
CA THR A 90 6.21 -17.90 -5.61
C THR A 90 7.41 -18.32 -4.77
N GLY A 91 8.14 -19.34 -5.22
CA GLY A 91 9.35 -19.74 -4.50
C GLY A 91 10.39 -18.65 -4.49
N PHE A 92 10.58 -17.97 -5.62
CA PHE A 92 11.54 -16.86 -5.67
C PHE A 92 11.14 -15.75 -4.71
N GLY A 93 9.86 -15.40 -4.70
CA GLY A 93 9.40 -14.38 -3.77
C GLY A 93 9.59 -14.78 -2.32
N HIS A 94 9.29 -16.04 -2.01
CA HIS A 94 9.47 -16.55 -0.65
C HIS A 94 10.94 -16.48 -0.24
N ASP A 95 11.83 -16.91 -1.12
CA ASP A 95 13.26 -16.89 -0.80
C ASP A 95 13.77 -15.46 -0.62
N LEU A 96 13.35 -14.55 -1.50
CA LEU A 96 13.78 -13.16 -1.36
C LEU A 96 13.27 -12.55 -0.06
N ARG A 97 12.01 -12.81 0.28
CA ARG A 97 11.47 -12.29 1.53
C ARG A 97 12.21 -12.85 2.73
N ALA A 98 12.49 -14.15 2.73
CA ALA A 98 13.22 -14.75 3.83
C ALA A 98 14.61 -14.15 3.97
N ALA A 99 15.31 -13.97 2.84
CA ALA A 99 16.65 -13.40 2.89
C ALA A 99 16.63 -11.97 3.41
N VAL A 100 15.67 -11.17 2.95
CA VAL A 100 15.58 -9.79 3.40
C VAL A 100 15.30 -9.73 4.91
N PHE A 101 14.36 -10.54 5.38
CA PHE A 101 14.04 -10.54 6.80
C PHE A 101 15.22 -11.01 7.64
N THR A 102 15.91 -12.04 7.17
CA THR A 102 17.07 -12.55 7.91
C THR A 102 18.17 -11.50 7.99
N HIS A 103 18.42 -10.79 6.89
CA HIS A 103 19.43 -9.73 6.92
C HIS A 103 19.01 -8.59 7.84
N VAL A 104 17.72 -8.23 7.82
CA VAL A 104 17.25 -7.12 8.64
C VAL A 104 17.35 -7.47 10.12
N THR A 105 17.04 -8.72 10.48
CA THR A 105 17.08 -9.12 11.89
C THR A 105 18.46 -9.02 12.51
N THR A 106 19.52 -8.96 11.70
CA THR A 106 20.87 -8.80 12.22
C THR A 106 21.26 -7.35 12.44
N PHE A 107 20.43 -6.40 11.99
CA PHE A 107 20.73 -5.00 12.17
C PHE A 107 20.69 -4.62 13.65
N SER A 108 21.54 -3.66 14.02
CA SER A 108 21.50 -3.09 15.36
C SER A 108 20.49 -1.94 15.38
N ALA A 109 20.47 -1.18 16.46
CA ALA A 109 19.54 -0.05 16.56
C ALA A 109 19.82 1.02 15.52
N GLU A 110 21.08 1.36 15.29
CA GLU A 110 21.45 2.40 14.35
C GLU A 110 21.08 2.06 12.91
N GLU A 111 21.43 0.85 12.46
CA GLU A 111 21.10 0.45 11.10
C GLU A 111 19.60 0.38 10.89
N ALA A 112 18.86 -0.16 11.86
CA ALA A 112 17.41 -0.22 11.75
C ALA A 112 16.79 1.17 11.72
N GLY A 113 17.30 2.08 12.56
CA GLY A 113 16.79 3.44 12.56
C GLY A 113 17.15 4.24 11.33
N ARG A 114 18.22 3.86 10.63
CA ARG A 114 18.58 4.56 9.41
C ARG A 114 17.48 4.45 8.36
N PHE A 115 16.91 3.24 8.20
CA PHE A 115 15.83 3.06 7.24
C PHE A 115 14.48 3.41 7.84
N GLY A 116 14.26 3.06 9.11
CA GLY A 116 12.98 3.28 9.75
C GLY A 116 12.15 2.03 9.80
N ALA A 117 11.38 1.86 10.87
CA ALA A 117 10.56 0.66 11.02
C ALA A 117 9.47 0.56 9.97
N ALA A 118 8.90 1.69 9.56
CA ALA A 118 7.84 1.67 8.55
C ALA A 118 8.38 1.38 7.16
N SER A 119 9.52 1.98 6.80
CA SER A 119 10.11 1.77 5.48
C SER A 119 10.63 0.35 5.29
N LEU A 120 11.12 -0.29 6.34
CA LEU A 120 11.61 -1.66 6.21
C LEU A 120 10.48 -2.65 5.92
N LEU A 121 9.31 -2.42 6.50
CA LEU A 121 8.16 -3.29 6.22
C LEU A 121 7.78 -3.23 4.76
N THR A 122 7.75 -2.03 4.18
CA THR A 122 7.48 -1.91 2.74
C THR A 122 8.55 -2.62 1.94
N ARG A 123 9.82 -2.45 2.32
CA ARG A 123 10.92 -3.09 1.60
C ARG A 123 10.80 -4.60 1.60
N THR A 124 10.39 -5.19 2.73
CA THR A 124 10.28 -6.63 2.82
C THR A 124 8.94 -7.18 2.37
N THR A 125 7.96 -6.33 2.09
CA THR A 125 6.64 -6.84 1.70
C THR A 125 6.11 -6.46 0.33
N ASN A 126 6.27 -5.20 -0.09
CA ASN A 126 5.72 -4.79 -1.38
C ASN A 126 6.75 -4.75 -2.49
N ASP A 127 7.99 -4.35 -2.18
CA ASP A 127 9.02 -4.33 -3.20
C ASP A 127 9.54 -5.72 -3.53
N VAL A 128 9.22 -6.73 -2.71
CA VAL A 128 9.47 -8.10 -3.14
C VAL A 128 8.31 -8.61 -4.00
N GLY A 129 7.09 -8.18 -3.70
CA GLY A 129 5.96 -8.56 -4.52
C GLY A 129 6.03 -7.98 -5.93
N HIS A 130 6.55 -6.76 -6.04
CA HIS A 130 6.73 -6.17 -7.36
C HIS A 130 7.69 -6.98 -8.22
N ILE A 131 8.83 -7.37 -7.67
CA ILE A 131 9.76 -8.20 -8.41
C ILE A 131 9.18 -9.58 -8.70
N GLN A 132 8.39 -10.13 -7.76
CA GLN A 132 7.75 -11.42 -8.00
C GLN A 132 6.77 -11.33 -9.16
N GLN A 133 5.97 -10.28 -9.22
CA GLN A 133 5.03 -10.15 -10.32
C GLN A 133 5.77 -9.88 -11.63
N LEU A 134 6.87 -9.13 -11.58
CA LEU A 134 7.70 -8.97 -12.77
C LEU A 134 8.17 -10.33 -13.28
N VAL A 135 8.66 -11.17 -12.37
CA VAL A 135 9.13 -12.50 -12.75
C VAL A 135 7.97 -13.30 -13.36
N GLN A 136 6.80 -13.24 -12.74
CA GLN A 136 5.69 -14.07 -13.19
C GLN A 136 5.19 -13.66 -14.57
N LEU A 137 4.91 -12.38 -14.77
CA LEU A 137 4.44 -11.94 -16.08
C LEU A 137 5.58 -11.68 -17.05
N THR A 138 6.81 -12.02 -16.67
CA THR A 138 7.89 -12.20 -17.63
C THR A 138 8.01 -13.64 -18.12
N VAL A 139 7.87 -14.60 -17.21
CA VAL A 139 8.01 -16.01 -17.56
C VAL A 139 6.72 -16.49 -18.22
N THR A 140 5.65 -15.71 -18.07
CA THR A 140 4.37 -16.07 -18.70
C THR A 140 3.92 -15.12 -19.81
N MET A 141 4.40 -13.88 -19.86
CA MET A 141 3.94 -12.94 -20.87
C MET A 141 5.05 -12.29 -21.67
N LEU A 142 6.19 -11.96 -21.03
CA LEU A 142 7.29 -11.36 -21.79
C LEU A 142 7.84 -12.33 -22.82
N ILE A 143 8.16 -13.55 -22.40
CA ILE A 143 8.82 -14.49 -23.29
C ILE A 143 7.90 -15.00 -24.39
N THR A 144 6.60 -14.73 -24.31
CA THR A 144 5.72 -15.15 -25.40
C THR A 144 6.17 -14.53 -26.72
N ALA A 145 6.67 -13.28 -26.69
CA ALA A 145 7.10 -12.63 -27.91
C ALA A 145 8.30 -13.28 -28.58
N PRO A 146 9.42 -13.55 -27.90
CA PRO A 146 10.57 -14.13 -28.62
C PRO A 146 10.34 -15.53 -29.19
N ILE A 147 9.44 -16.33 -28.65
CA ILE A 147 9.12 -17.60 -29.32
C ILE A 147 8.07 -17.41 -30.40
N MET A 148 7.04 -16.59 -30.15
CA MET A 148 6.03 -16.40 -31.19
C MET A 148 6.64 -15.76 -32.44
N SER A 149 7.35 -14.65 -32.26
CA SER A 149 7.97 -13.93 -33.37
C SER A 149 9.03 -14.71 -34.14
N ILE A 150 9.54 -15.80 -33.55
CA ILE A 150 10.56 -16.58 -34.21
C ILE A 150 9.98 -17.83 -34.86
N GLY A 151 9.13 -18.56 -34.11
CA GLY A 151 8.48 -19.73 -34.66
C GLY A 151 7.53 -19.40 -35.78
N GLY A 152 6.88 -18.23 -35.73
CA GLY A 152 6.01 -17.84 -36.81
C GLY A 152 6.74 -17.67 -38.12
N ILE A 153 7.90 -17.02 -38.05
CA ILE A 153 8.75 -16.82 -39.21
C ILE A 153 9.28 -18.17 -39.69
N PHE A 154 9.63 -19.04 -38.75
CA PHE A 154 10.13 -20.36 -39.11
C PHE A 154 9.06 -21.17 -39.86
N MET A 155 7.82 -21.13 -39.37
CA MET A 155 6.74 -21.82 -40.05
C MET A 155 6.40 -21.18 -41.39
N ALA A 156 6.55 -19.85 -41.50
CA ALA A 156 6.37 -19.18 -42.77
C ALA A 156 7.40 -19.65 -43.79
N LEU A 157 8.65 -19.78 -43.36
CA LEU A 157 9.69 -20.36 -44.22
C LEU A 157 9.34 -21.78 -44.61
N HIS A 158 8.86 -22.57 -43.64
CA HIS A 158 8.50 -23.96 -43.91
C HIS A 158 7.30 -24.08 -44.85
N GLN A 159 6.43 -23.06 -44.90
CA GLN A 159 5.22 -23.13 -45.70
C GLN A 159 5.42 -22.48 -47.08
N ASP A 160 5.80 -21.21 -47.11
CA ASP A 160 6.00 -20.49 -48.36
C ASP A 160 7.11 -19.47 -48.13
N ALA A 161 8.34 -19.83 -48.52
CA ALA A 161 9.48 -18.94 -48.32
C ALA A 161 9.43 -17.74 -49.25
N GLY A 162 8.77 -17.87 -50.40
CA GLY A 162 8.73 -16.78 -51.37
C GLY A 162 7.86 -15.61 -50.96
N LEU A 163 7.05 -15.76 -49.91
CA LEU A 163 6.19 -14.70 -49.43
C LEU A 163 6.44 -14.34 -47.98
N SER A 164 7.30 -15.07 -47.28
CA SER A 164 7.56 -14.84 -45.86
C SER A 164 8.19 -13.49 -45.58
N TRP A 165 8.69 -12.79 -46.59
CA TRP A 165 9.27 -11.47 -46.39
C TRP A 165 8.27 -10.49 -45.79
N LEU A 166 6.97 -10.75 -45.96
CA LEU A 166 5.98 -9.90 -45.31
C LEU A 166 6.10 -9.95 -43.79
N LEU A 167 6.37 -11.11 -43.22
CA LEU A 167 6.59 -11.21 -41.79
C LEU A 167 7.87 -10.53 -41.34
N LEU A 168 8.90 -10.52 -42.19
CA LEU A 168 10.15 -9.84 -41.87
C LEU A 168 10.09 -8.35 -42.13
N VAL A 169 9.03 -7.87 -42.78
CA VAL A 169 8.85 -6.44 -42.97
C VAL A 169 7.89 -5.89 -41.91
N SER A 170 6.84 -6.65 -41.59
CA SER A 170 5.79 -6.14 -40.71
C SER A 170 6.16 -6.25 -39.24
N VAL A 171 6.79 -7.35 -38.83
CA VAL A 171 7.19 -7.48 -37.43
C VAL A 171 8.19 -6.42 -37.01
N PRO A 172 9.29 -6.17 -37.75
CA PRO A 172 10.19 -5.08 -37.33
C PRO A 172 9.54 -3.71 -37.32
N VAL A 173 8.65 -3.41 -38.27
CA VAL A 173 8.05 -2.09 -38.32
C VAL A 173 7.09 -1.89 -37.15
N LEU A 174 6.31 -2.93 -36.81
CA LEU A 174 5.46 -2.85 -35.63
C LEU A 174 6.29 -2.72 -34.36
N GLY A 175 7.38 -3.50 -34.26
CA GLY A 175 8.26 -3.39 -33.13
C GLY A 175 8.86 -2.01 -32.96
N LEU A 176 9.31 -1.39 -34.04
CA LEU A 176 9.86 -0.03 -34.01
C LEU A 176 8.80 1.00 -33.63
N ALA A 177 7.62 0.92 -34.26
CA ALA A 177 6.55 1.86 -33.97
C ALA A 177 6.01 1.72 -32.56
N ASN A 178 6.12 0.54 -31.95
CA ASN A 178 5.73 0.35 -30.57
C ASN A 178 6.84 0.73 -29.59
N TYR A 179 8.10 0.50 -29.96
CA TYR A 179 9.20 0.94 -29.12
C TYR A 179 9.24 2.45 -29.01
N TRP A 180 9.00 3.14 -30.14
CA TRP A 180 8.97 4.60 -30.09
C TRP A 180 7.85 5.11 -29.19
N ILE A 181 6.75 4.37 -29.10
CA ILE A 181 5.66 4.77 -28.22
C ILE A 181 6.02 4.51 -26.76
N ILE A 182 6.57 3.33 -26.47
CA ILE A 182 6.81 2.96 -25.08
C ILE A 182 7.96 3.79 -24.50
N ARG A 183 8.94 4.16 -25.33
CA ARG A 183 10.04 4.98 -24.84
C ARG A 183 9.57 6.37 -24.43
N HIS A 184 8.45 6.83 -24.98
CA HIS A 184 7.83 8.07 -24.53
C HIS A 184 6.87 7.85 -23.36
N LEU A 185 6.21 6.69 -23.33
CA LEU A 185 5.22 6.41 -22.30
C LEU A 185 5.86 6.10 -20.95
N MET A 186 7.04 5.51 -20.93
CA MET A 186 7.65 5.08 -19.67
C MET A 186 7.91 6.23 -18.71
N PRO A 187 8.54 7.35 -19.10
CA PRO A 187 8.79 8.41 -18.10
C PRO A 187 7.52 9.01 -17.53
N VAL A 188 6.52 9.29 -18.38
CA VAL A 188 5.28 9.85 -17.86
C VAL A 188 4.55 8.82 -17.01
N PHE A 189 4.68 7.53 -17.32
CA PHE A 189 4.09 6.51 -16.47
C PHE A 189 4.74 6.50 -15.09
N THR A 190 6.07 6.63 -15.05
CA THR A 190 6.76 6.69 -13.76
C THR A 190 6.34 7.94 -12.98
N ARG A 191 6.17 9.06 -13.68
CA ARG A 191 5.71 10.28 -13.02
C ARG A 191 4.31 10.10 -12.43
N MET A 192 3.42 9.46 -13.20
CA MET A 192 2.08 9.20 -12.70
C MET A 192 2.12 8.26 -11.49
N GLN A 193 2.99 7.26 -11.52
CA GLN A 193 3.14 6.38 -10.37
C GLN A 193 3.65 7.14 -9.14
N SER A 194 4.61 8.04 -9.33
CA SER A 194 5.14 8.84 -8.24
C SER A 194 4.17 9.92 -7.76
N LEU A 195 3.14 10.24 -8.55
CA LEU A 195 2.10 11.14 -8.10
C LEU A 195 0.96 10.41 -7.39
N ILE A 196 0.69 9.16 -7.77
CA ILE A 196 -0.37 8.39 -7.13
C ILE A 196 -0.07 8.20 -5.65
N ASP A 197 1.15 7.72 -5.34
CA ASP A 197 1.51 7.54 -3.95
C ASP A 197 1.68 8.87 -3.22
N GLY A 198 2.03 9.94 -3.93
CA GLY A 198 2.06 11.25 -3.31
C GLY A 198 0.69 11.69 -2.82
N ILE A 199 -0.33 11.56 -3.69
CA ILE A 199 -1.68 11.91 -3.24
C ILE A 199 -2.17 10.94 -2.17
N ASN A 200 -1.76 9.67 -2.24
CA ASN A 200 -2.13 8.71 -1.20
C ASN A 200 -1.55 9.13 0.14
N ARG A 201 -0.29 9.55 0.16
CA ARG A 201 0.32 10.00 1.41
C ARG A 201 -0.28 11.32 1.88
N VAL A 202 -0.71 12.17 0.96
CA VAL A 202 -1.41 13.40 1.35
C VAL A 202 -2.70 13.05 2.08
N LEU A 203 -3.47 12.11 1.52
CA LEU A 203 -4.70 11.69 2.19
C LEU A 203 -4.40 11.02 3.52
N ARG A 204 -3.34 10.21 3.58
CA ARG A 204 -2.97 9.54 4.82
C ARG A 204 -2.61 10.54 5.91
N ASP A 205 -1.83 11.57 5.55
CA ASP A 205 -1.48 12.60 6.52
C ASP A 205 -2.70 13.40 6.95
N GLN A 206 -3.62 13.69 6.02
CA GLN A 206 -4.83 14.41 6.40
C GLN A 206 -5.68 13.60 7.36
N LEU A 207 -5.81 12.29 7.13
CA LEU A 207 -6.64 11.46 8.00
C LEU A 207 -5.98 11.22 9.35
N SER A 208 -4.66 11.02 9.38
CA SER A 208 -3.99 10.77 10.64
C SER A 208 -4.02 12.00 11.54
N GLY A 209 -3.64 13.16 10.99
CA GLY A 209 -3.63 14.39 11.76
C GLY A 209 -4.90 15.21 11.59
N ILE A 210 -6.06 14.55 11.60
CA ILE A 210 -7.32 15.27 11.41
C ILE A 210 -7.57 16.20 12.60
N ARG A 211 -7.27 15.75 13.81
CA ARG A 211 -7.43 16.60 14.98
C ARG A 211 -6.51 17.81 14.90
N VAL A 212 -5.27 17.61 14.45
CA VAL A 212 -4.35 18.72 14.28
C VAL A 212 -4.86 19.69 13.21
N ILE A 213 -5.39 19.14 12.11
CA ILE A 213 -5.88 19.98 11.02
C ILE A 213 -7.04 20.85 11.51
N ARG A 214 -7.98 20.25 12.24
CA ARG A 214 -9.13 21.00 12.72
C ARG A 214 -8.74 21.99 13.82
N ALA A 215 -7.76 21.64 14.64
CA ALA A 215 -7.34 22.53 15.73
C ALA A 215 -6.66 23.78 15.19
N PHE A 216 -6.00 23.69 14.04
CA PHE A 216 -5.34 24.83 13.44
C PHE A 216 -6.16 25.48 12.33
N ALA A 217 -7.36 24.98 12.06
CA ALA A 217 -8.26 25.54 11.06
C ALA A 217 -7.57 25.65 9.70
N ARG A 218 -6.90 24.57 9.29
CA ARG A 218 -6.17 24.54 8.04
C ARG A 218 -6.99 23.94 6.90
N GLU A 219 -8.28 23.69 7.12
CA GLU A 219 -9.13 23.12 6.07
C GLU A 219 -9.14 23.93 4.78
N PRO A 220 -9.29 25.26 4.79
CA PRO A 220 -9.31 26.00 3.51
C PRO A 220 -8.06 25.84 2.68
N LEU A 221 -6.88 25.74 3.30
CA LEU A 221 -5.66 25.53 2.54
C LEU A 221 -5.35 24.05 2.33
N GLU A 222 -5.84 23.17 3.20
CA GLU A 222 -5.72 21.74 2.93
C GLU A 222 -6.50 21.36 1.68
N ARG A 223 -7.68 21.93 1.49
CA ARG A 223 -8.44 21.69 0.27
C ARG A 223 -7.67 22.17 -0.96
N VAL A 224 -7.03 23.34 -0.86
CA VAL A 224 -6.28 23.88 -1.98
C VAL A 224 -5.09 22.97 -2.31
N ARG A 225 -4.37 22.53 -1.28
CA ARG A 225 -3.20 21.70 -1.51
C ARG A 225 -3.58 20.29 -1.99
N PHE A 226 -4.77 19.82 -1.65
CA PHE A 226 -5.23 18.55 -2.21
C PHE A 226 -5.69 18.72 -3.65
N ALA A 227 -6.35 19.83 -3.96
CA ALA A 227 -6.81 20.06 -5.32
C ALA A 227 -5.65 20.26 -6.29
N GLU A 228 -4.61 20.98 -5.86
CA GLU A 228 -3.46 21.20 -6.72
C GLU A 228 -2.69 19.92 -7.00
N ALA A 229 -2.81 18.91 -6.14
CA ALA A 229 -2.22 17.60 -6.38
C ALA A 229 -3.13 16.70 -7.21
N ASN A 230 -4.44 16.76 -6.96
CA ASN A 230 -5.39 15.97 -7.74
C ASN A 230 -5.37 16.40 -9.20
N GLN A 231 -5.34 17.71 -9.45
CA GLN A 231 -5.29 18.19 -10.83
C GLN A 231 -4.00 17.79 -11.52
N THR A 232 -2.88 17.87 -10.80
CA THR A 232 -1.60 17.45 -11.37
C THR A 232 -1.61 15.97 -11.71
N LEU A 233 -2.15 15.14 -10.80
CA LEU A 233 -2.24 13.72 -11.07
C LEU A 233 -3.13 13.43 -12.27
N SER A 234 -4.24 14.15 -12.38
CA SER A 234 -5.13 13.97 -13.53
C SER A 234 -4.45 14.36 -14.82
N ASP A 235 -3.71 15.48 -14.81
CA ASP A 235 -3.00 15.90 -16.02
C ASP A 235 -1.94 14.88 -16.42
N SER A 236 -1.19 14.35 -15.44
CA SER A 236 -0.20 13.33 -15.74
C SER A 236 -0.85 12.05 -16.28
N ALA A 237 -2.00 11.68 -15.71
CA ALA A 237 -2.71 10.50 -16.19
C ALA A 237 -3.21 10.69 -17.61
N LEU A 238 -3.71 11.88 -17.93
CA LEU A 238 -4.14 12.17 -19.30
C LEU A 238 -2.96 12.12 -20.26
N GLU A 239 -1.82 12.67 -19.85
CA GLU A 239 -0.64 12.63 -20.70
C GLU A 239 -0.17 11.20 -20.93
N ALA A 240 -0.20 10.36 -19.90
CA ALA A 240 0.17 8.96 -20.05
C ALA A 240 -0.87 8.15 -20.81
N GLY A 241 -2.13 8.59 -20.82
CA GLY A 241 -3.16 7.87 -21.54
C GLY A 241 -3.22 8.22 -23.00
N ARG A 242 -2.87 9.47 -23.35
CA ARG A 242 -2.83 9.83 -24.77
C ARG A 242 -1.71 9.13 -25.52
N TRP A 243 -0.75 8.55 -24.82
CA TRP A 243 0.25 7.68 -25.42
C TRP A 243 -0.21 6.22 -25.44
N GLN A 244 -0.82 5.76 -24.35
CA GLN A 244 -1.29 4.39 -24.28
C GLN A 244 -2.42 4.12 -25.27
N ALA A 245 -3.18 5.16 -25.63
CA ALA A 245 -4.28 4.99 -26.57
C ALA A 245 -3.81 4.67 -27.98
N LEU A 246 -2.51 4.80 -28.26
CA LEU A 246 -1.97 4.47 -29.58
C LEU A 246 -1.47 3.04 -29.68
N MET A 247 -1.41 2.31 -28.57
CA MET A 247 -0.80 0.98 -28.61
C MET A 247 -1.66 -0.01 -29.39
N LEU A 248 -2.96 -0.06 -29.09
CA LEU A 248 -3.84 -1.04 -29.70
C LEU A 248 -4.20 -0.70 -31.14
N PRO A 249 -4.71 0.51 -31.43
CA PRO A 249 -5.09 0.81 -32.83
C PRO A 249 -3.94 0.71 -33.80
N VAL A 250 -2.72 1.07 -33.39
CA VAL A 250 -1.57 0.92 -34.28
C VAL A 250 -1.33 -0.54 -34.61
N THR A 251 -1.42 -1.41 -33.60
CA THR A 251 -1.23 -2.84 -33.82
C THR A 251 -2.30 -3.39 -34.75
N THR A 252 -3.56 -3.00 -34.52
CA THR A 252 -4.64 -3.47 -35.40
C THR A 252 -4.46 -2.97 -36.83
N LEU A 253 -4.04 -1.71 -36.98
CA LEU A 253 -3.79 -1.17 -38.31
C LEU A 253 -2.68 -1.93 -39.01
N VAL A 254 -1.60 -2.24 -38.28
CA VAL A 254 -0.51 -3.01 -38.87
C VAL A 254 -1.00 -4.39 -39.29
N ILE A 255 -1.81 -5.03 -38.44
CA ILE A 255 -2.34 -6.36 -38.76
C ILE A 255 -3.16 -6.29 -40.03
N ASN A 256 -4.06 -5.31 -40.13
CA ASN A 256 -4.96 -5.21 -41.27
C ASN A 256 -4.21 -4.87 -42.55
N VAL A 257 -3.25 -3.94 -42.48
CA VAL A 257 -2.46 -3.60 -43.66
C VAL A 257 -1.64 -4.80 -44.11
N SER A 258 -1.06 -5.54 -43.15
CA SER A 258 -0.33 -6.74 -43.50
C SER A 258 -1.24 -7.77 -44.15
N SER A 259 -2.47 -7.89 -43.66
CA SER A 259 -3.43 -8.82 -44.27
C SER A 259 -3.74 -8.43 -45.71
N VAL A 260 -3.95 -7.13 -45.96
CA VAL A 260 -4.28 -6.68 -47.31
C VAL A 260 -3.10 -6.92 -48.25
N ALA A 261 -1.90 -6.55 -47.81
CA ALA A 261 -0.71 -6.77 -48.62
C ALA A 261 -0.47 -8.26 -48.85
N LEU A 262 -0.77 -9.07 -47.83
CA LEU A 262 -0.65 -10.51 -47.97
C LEU A 262 -1.59 -11.03 -49.04
N ILE A 263 -2.84 -10.58 -49.04
CA ILE A 263 -3.78 -11.04 -50.04
C ILE A 263 -3.33 -10.62 -51.43
N TRP A 264 -2.85 -9.39 -51.58
CA TRP A 264 -2.41 -8.91 -52.89
C TRP A 264 -1.22 -9.72 -53.40
N PHE A 265 -0.12 -9.72 -52.62
CA PHE A 265 1.09 -10.43 -53.03
C PHE A 265 0.94 -11.94 -53.01
N GLY A 266 -0.15 -12.46 -52.45
CA GLY A 266 -0.40 -13.88 -52.49
C GLY A 266 -1.19 -14.24 -53.72
N GLY A 267 -2.16 -13.40 -54.09
CA GLY A 267 -2.82 -13.60 -55.37
C GLY A 267 -1.85 -13.48 -56.53
N LEU A 268 -0.89 -12.56 -56.41
CA LEU A 268 0.13 -12.44 -57.46
C LEU A 268 0.88 -13.75 -57.67
N ARG A 269 1.17 -14.48 -56.59
CA ARG A 269 1.91 -15.73 -56.71
C ARG A 269 0.99 -16.90 -57.08
N ILE A 270 -0.22 -16.93 -56.51
CA ILE A 270 -1.14 -18.04 -56.77
C ILE A 270 -1.58 -18.03 -58.23
N ASP A 271 -1.75 -16.84 -58.82
CA ASP A 271 -2.04 -16.78 -60.24
C ASP A 271 -0.93 -17.42 -61.06
N ALA A 272 0.32 -17.24 -60.64
CA ALA A 272 1.45 -17.90 -61.29
C ALA A 272 1.63 -19.34 -60.83
N GLY A 273 0.88 -19.78 -59.83
CA GLY A 273 0.96 -21.15 -59.35
C GLY A 273 2.08 -21.43 -58.38
N GLN A 274 2.82 -20.41 -57.93
CA GLN A 274 3.94 -20.63 -57.02
C GLN A 274 3.50 -20.99 -55.62
N MET A 275 2.23 -20.77 -55.26
CA MET A 275 1.74 -21.08 -53.93
C MET A 275 0.29 -21.49 -54.01
N GLN A 276 -0.09 -22.46 -53.19
CA GLN A 276 -1.48 -22.90 -53.13
C GLN A 276 -2.33 -21.89 -52.38
N VAL A 277 -3.60 -21.78 -52.79
CA VAL A 277 -4.49 -20.77 -52.24
C VAL A 277 -4.80 -21.02 -50.77
N GLY A 278 -4.53 -22.23 -50.26
CA GLY A 278 -4.85 -22.53 -48.88
C GLY A 278 -3.98 -21.81 -47.87
N SER A 279 -2.77 -21.42 -48.26
CA SER A 279 -1.84 -20.81 -47.31
C SER A 279 -2.27 -19.43 -46.86
N LEU A 280 -3.26 -18.83 -47.52
CA LEU A 280 -3.70 -17.48 -47.13
C LEU A 280 -4.29 -17.46 -45.73
N ILE A 281 -5.10 -18.48 -45.39
CA ILE A 281 -5.68 -18.54 -44.05
C ILE A 281 -4.59 -18.71 -43.01
N ALA A 282 -3.62 -19.60 -43.29
CA ALA A 282 -2.52 -19.81 -42.35
C ALA A 282 -1.72 -18.54 -42.14
N PHE A 283 -1.45 -17.81 -43.22
CA PHE A 283 -0.69 -16.57 -43.08
C PHE A 283 -1.48 -15.50 -42.34
N LEU A 284 -2.78 -15.43 -42.59
CA LEU A 284 -3.63 -14.49 -41.84
C LEU A 284 -3.56 -14.77 -40.35
N ALA A 285 -3.74 -16.03 -39.96
CA ALA A 285 -3.65 -16.39 -38.54
C ALA A 285 -2.27 -16.16 -37.98
N TYR A 286 -1.21 -16.45 -38.76
CA TYR A 286 0.15 -16.17 -38.31
C TYR A 286 0.33 -14.70 -37.99
N PHE A 287 -0.07 -13.83 -38.91
CA PHE A 287 0.04 -12.40 -38.70
C PHE A 287 -0.72 -11.98 -37.45
N MET A 288 -1.98 -12.42 -37.33
CA MET A 288 -2.78 -12.01 -36.19
C MET A 288 -2.13 -12.44 -34.87
N GLN A 289 -1.76 -13.72 -34.77
CA GLN A 289 -1.21 -14.22 -33.51
C GLN A 289 0.12 -13.55 -33.17
N ILE A 290 1.01 -13.43 -34.16
CA ILE A 290 2.33 -12.88 -33.88
C ILE A 290 2.22 -11.41 -33.46
N LEU A 291 1.46 -10.62 -34.21
CA LEU A 291 1.39 -9.20 -33.90
C LEU A 291 0.52 -8.90 -32.69
N MET A 292 -0.36 -9.83 -32.28
CA MET A 292 -1.02 -9.69 -30.99
C MET A 292 -0.10 -10.04 -29.84
N ALA A 293 0.70 -11.10 -29.99
CA ALA A 293 1.65 -11.47 -28.94
C ALA A 293 2.69 -10.39 -28.72
N VAL A 294 3.17 -9.77 -29.80
CA VAL A 294 4.18 -8.71 -29.65
C VAL A 294 3.60 -7.55 -28.85
N LEU A 295 2.38 -7.11 -29.18
CA LEU A 295 1.76 -6.02 -28.45
C LEU A 295 1.48 -6.38 -27.00
N MET A 296 0.99 -7.61 -26.76
CA MET A 296 0.73 -8.03 -25.38
C MET A 296 2.00 -8.13 -24.55
N ALA A 297 3.12 -8.51 -25.16
CA ALA A 297 4.39 -8.52 -24.45
C ALA A 297 4.94 -7.13 -24.22
N THR A 298 4.76 -6.21 -25.16
CA THR A 298 5.20 -4.83 -24.94
C THR A 298 4.31 -4.11 -23.93
N PHE A 299 3.08 -4.59 -23.71
CA PHE A 299 2.22 -3.99 -22.69
C PHE A 299 2.84 -4.13 -21.31
N MET A 300 3.39 -5.31 -21.00
CA MET A 300 4.02 -5.51 -19.69
C MET A 300 5.34 -4.77 -19.57
N LEU A 301 5.95 -4.35 -20.67
CA LEU A 301 7.26 -3.71 -20.64
C LEU A 301 7.23 -2.35 -19.96
N VAL A 302 6.05 -1.80 -19.69
CA VAL A 302 5.98 -0.45 -19.12
C VAL A 302 6.65 -0.40 -17.75
N ILE A 303 6.32 -1.33 -16.87
CA ILE A 303 6.90 -1.30 -15.54
C ILE A 303 8.16 -2.16 -15.47
N PHE A 304 9.25 -1.67 -16.06
CA PHE A 304 10.59 -2.08 -15.66
C PHE A 304 11.14 -1.17 -14.57
N PRO A 305 11.08 0.17 -14.71
CA PRO A 305 11.64 1.04 -13.66
C PRO A 305 10.95 0.89 -12.32
N ARG A 306 9.65 0.59 -12.31
CA ARG A 306 8.95 0.42 -11.05
C ARG A 306 9.52 -0.76 -10.26
N ALA A 307 9.84 -1.85 -10.95
CA ALA A 307 10.49 -2.98 -10.31
C ALA A 307 12.00 -2.82 -10.18
N ALA A 308 12.57 -1.80 -10.82
CA ALA A 308 14.00 -1.54 -10.70
C ALA A 308 14.32 -0.68 -9.49
N VAL A 309 13.50 0.33 -9.21
CA VAL A 309 13.70 1.13 -8.00
C VAL A 309 13.47 0.28 -6.76
N CYS A 310 12.46 -0.60 -6.80
CA CYS A 310 12.25 -1.52 -5.70
C CYS A 310 13.44 -2.44 -5.49
N ALA A 311 14.01 -2.95 -6.58
CA ALA A 311 15.19 -3.79 -6.48
C ALA A 311 16.37 -3.01 -5.93
N ASP A 312 16.50 -1.73 -6.31
CA ASP A 312 17.56 -0.90 -5.76
C ASP A 312 17.40 -0.72 -4.25
N ARG A 313 16.18 -0.48 -3.79
CA ARG A 313 15.94 -0.36 -2.35
C ARG A 313 16.28 -1.66 -1.64
N ILE A 314 15.86 -2.80 -2.19
CA ILE A 314 16.13 -4.09 -1.56
C ILE A 314 17.63 -4.36 -1.53
N GLY A 315 18.34 -4.01 -2.61
CA GLY A 315 19.77 -4.19 -2.64
C GLY A 315 20.51 -3.30 -1.66
N GLU A 316 20.05 -2.06 -1.49
CA GLU A 316 20.66 -1.20 -0.49
C GLU A 316 20.36 -1.68 0.92
N VAL A 317 19.21 -2.32 1.13
CA VAL A 317 18.94 -2.93 2.44
C VAL A 317 19.87 -4.11 2.68
N LEU A 318 20.04 -4.96 1.65
CA LEU A 318 20.86 -6.16 1.78
C LEU A 318 22.35 -5.87 1.82
N SER A 319 22.79 -4.74 1.30
CA SER A 319 24.21 -4.41 1.25
C SER A 319 24.73 -3.79 2.55
N THR A 320 23.84 -3.38 3.45
CA THR A 320 24.28 -2.80 4.71
C THR A 320 24.85 -3.88 5.62
N GLN A 321 26.06 -3.65 6.10
CA GLN A 321 26.75 -4.59 6.99
C GLN A 321 26.59 -4.13 8.43
N THR A 322 26.11 -5.02 9.30
CA THR A 322 25.95 -4.69 10.70
C THR A 322 27.31 -4.47 11.36
N ALA A 323 27.35 -3.52 12.29
CA ALA A 323 28.57 -3.19 13.01
C ALA A 323 28.67 -3.88 14.36
N ILE A 324 27.59 -3.91 15.13
CA ILE A 324 27.58 -4.56 16.44
C ILE A 324 27.37 -6.05 16.20
N THR A 325 28.43 -6.82 16.36
CA THR A 325 28.40 -8.26 16.14
C THR A 325 28.70 -9.00 17.44
N ASN A 326 28.58 -10.33 17.38
CA ASN A 326 28.90 -11.18 18.51
C ASN A 326 30.35 -11.62 18.42
N PRO A 327 31.17 -11.36 19.43
CA PRO A 327 32.59 -11.73 19.33
C PRO A 327 32.77 -13.24 19.26
N ALA A 328 33.81 -13.65 18.54
CA ALA A 328 34.12 -15.06 18.43
C ALA A 328 34.70 -15.59 19.73
N ASP A 329 34.16 -16.72 20.21
CA ASP A 329 34.54 -17.33 21.48
C ASP A 329 34.44 -16.32 22.61
N PRO A 330 33.24 -15.86 22.95
CA PRO A 330 33.10 -14.88 24.03
C PRO A 330 33.25 -15.53 25.39
N VAL A 331 33.73 -14.72 26.34
CA VAL A 331 33.83 -15.17 27.73
C VAL A 331 32.43 -15.40 28.29
N ARG A 332 32.25 -16.51 29.01
CA ARG A 332 30.95 -16.91 29.53
C ARG A 332 30.99 -16.88 31.05
N PRO A 333 30.60 -15.78 31.69
CA PRO A 333 30.55 -15.73 33.16
C PRO A 333 29.25 -16.34 33.67
N ALA A 334 29.36 -17.47 34.36
CA ALA A 334 28.18 -18.13 34.90
C ALA A 334 27.53 -17.28 35.98
N ALA A 335 26.21 -17.19 35.95
CA ALA A 335 25.42 -16.42 36.91
C ALA A 335 25.88 -14.97 36.94
N ILE A 336 25.68 -14.31 35.80
CA ILE A 336 26.08 -12.92 35.63
C ILE A 336 25.31 -12.03 36.58
N ALA A 337 26.02 -11.40 37.52
CA ALA A 337 25.44 -10.50 38.49
C ALA A 337 25.70 -9.06 38.07
N GLY A 338 24.67 -8.22 38.15
CA GLY A 338 24.77 -6.86 37.68
C GLY A 338 25.75 -5.99 38.44
N ASP A 339 26.80 -5.53 37.75
CA ASP A 339 27.77 -4.61 38.34
C ASP A 339 28.39 -3.82 37.18
N ILE A 340 27.93 -2.58 37.01
CA ILE A 340 28.23 -1.81 35.81
C ILE A 340 29.38 -0.84 36.08
N GLY A 341 30.17 -0.58 35.05
CA GLY A 341 31.21 0.43 35.13
C GLY A 341 31.50 1.06 33.80
N VAL A 342 31.43 2.39 33.73
CA VAL A 342 31.63 3.13 32.50
C VAL A 342 32.90 3.97 32.67
N HIS A 343 33.89 3.73 31.83
CA HIS A 343 35.20 4.38 31.92
C HIS A 343 35.43 5.19 30.66
N ASP A 344 35.29 6.52 30.79
CA ASP A 344 35.63 7.48 29.74
C ASP A 344 34.93 7.14 28.42
N ALA A 345 33.64 6.80 28.51
CA ALA A 345 32.90 6.43 27.33
C ALA A 345 32.49 7.67 26.53
N THR A 346 32.22 7.44 25.25
CA THR A 346 31.74 8.49 24.35
C THR A 346 31.16 7.82 23.11
N PHE A 347 29.98 8.27 22.68
CA PHE A 347 29.28 7.60 21.60
C PHE A 347 29.62 8.20 20.23
N CYS A 348 29.36 9.50 20.05
CA CYS A 348 29.64 10.20 18.80
C CYS A 348 28.90 9.55 17.63
N TYR A 349 27.58 9.71 17.66
CA TYR A 349 26.64 9.22 16.65
C TYR A 349 27.18 9.40 15.23
N PRO A 350 26.93 8.46 14.33
CA PRO A 350 27.17 8.73 12.90
C PRO A 350 26.41 9.97 12.48
N GLY A 351 27.09 10.86 11.76
CA GLY A 351 26.63 12.23 11.70
C GLY A 351 27.39 13.04 12.72
N ALA A 352 28.72 12.96 12.64
CA ALA A 352 29.62 13.40 13.69
C ALA A 352 29.77 14.92 13.71
N ASP A 353 30.83 15.39 14.37
CA ASP A 353 31.16 16.78 14.74
C ASP A 353 30.48 17.23 16.01
N ARG A 354 29.75 16.35 16.71
CA ARG A 354 29.31 16.62 18.08
C ARG A 354 29.03 15.28 18.75
N PRO A 355 29.97 14.78 19.56
CA PRO A 355 29.72 13.54 20.30
C PRO A 355 28.64 13.76 21.35
N VAL A 356 27.66 12.84 21.37
CA VAL A 356 26.55 12.96 22.30
C VAL A 356 27.03 12.85 23.75
N LEU A 357 27.90 11.88 24.01
CA LEU A 357 28.49 11.69 25.32
C LEU A 357 29.99 11.87 25.22
N GLN A 358 30.62 12.26 26.33
CA GLN A 358 32.05 12.53 26.34
C GLN A 358 32.61 12.26 27.72
N ASP A 359 33.57 11.34 27.80
CA ASP A 359 34.32 11.07 29.03
C ASP A 359 33.40 10.72 30.20
N VAL A 360 32.31 10.01 29.90
CA VAL A 360 31.42 9.54 30.95
C VAL A 360 32.13 8.45 31.75
N SER A 361 32.09 8.55 33.07
CA SER A 361 32.80 7.60 33.92
C SER A 361 32.11 7.53 35.28
N PHE A 362 31.59 6.35 35.61
CA PHE A 362 31.02 6.10 36.93
C PHE A 362 30.93 4.59 37.13
N THR A 363 30.40 4.18 38.28
CA THR A 363 30.27 2.78 38.60
C THR A 363 28.99 2.54 39.39
N VAL A 364 28.29 1.47 39.06
CA VAL A 364 27.08 1.04 39.75
C VAL A 364 27.31 -0.35 40.32
N PRO A 365 27.59 -0.46 41.61
CA PRO A 365 27.78 -1.78 42.23
C PRO A 365 26.46 -2.53 42.34
N ARG A 366 26.58 -3.82 42.61
CA ARG A 366 25.41 -4.69 42.67
C ARG A 366 24.49 -4.30 43.82
N GLY A 367 23.19 -4.37 43.56
CA GLY A 367 22.20 -4.09 44.58
C GLY A 367 22.00 -2.62 44.91
N THR A 368 22.63 -1.72 44.17
CA THR A 368 22.54 -0.29 44.42
C THR A 368 21.85 0.40 43.26
N THR A 369 21.06 1.42 43.58
CA THR A 369 20.29 2.16 42.58
C THR A 369 21.03 3.42 42.20
N THR A 370 21.19 3.63 40.89
CA THR A 370 21.80 4.85 40.35
C THR A 370 20.80 5.51 39.42
N ALA A 371 20.50 6.78 39.68
CA ALA A 371 19.52 7.54 38.90
C ALA A 371 20.24 8.60 38.10
N VAL A 372 19.99 8.63 36.79
CA VAL A 372 20.60 9.60 35.89
C VAL A 372 19.60 10.72 35.63
N VAL A 373 20.07 11.97 35.74
CA VAL A 373 19.25 13.13 35.52
C VAL A 373 19.96 14.07 34.56
N GLY A 374 19.16 14.81 33.80
CA GLY A 374 19.64 15.78 32.84
C GLY A 374 18.52 16.36 32.02
N SER A 375 18.77 17.49 31.36
CA SER A 375 17.74 18.11 30.54
C SER A 375 17.46 17.26 29.30
N THR A 376 16.40 17.61 28.59
CA THR A 376 16.06 16.88 27.37
C THR A 376 17.18 17.01 26.35
N GLY A 377 17.51 15.89 25.71
CA GLY A 377 18.62 15.86 24.77
C GLY A 377 19.98 15.70 25.40
N SER A 378 20.06 15.50 26.72
CA SER A 378 21.35 15.31 27.36
C SER A 378 22.03 14.03 26.91
N GLY A 379 21.27 12.95 26.75
CA GLY A 379 21.84 11.69 26.31
C GLY A 379 21.62 10.55 27.27
N LYS A 380 20.59 10.68 28.12
CA LYS A 380 20.29 9.63 29.09
C LYS A 380 19.87 8.35 28.40
N SER A 381 18.98 8.44 27.40
CA SER A 381 18.57 7.26 26.65
C SER A 381 19.73 6.66 25.89
N THR A 382 20.63 7.49 25.36
CA THR A 382 21.82 6.98 24.70
C THR A 382 22.69 6.21 25.68
N LEU A 383 22.85 6.72 26.90
CA LEU A 383 23.62 6.00 27.92
C LEU A 383 22.96 4.66 28.25
N ILE A 384 21.63 4.66 28.39
CA ILE A 384 20.93 3.41 28.68
C ILE A 384 21.14 2.40 27.57
N SER A 385 21.04 2.86 26.31
CA SER A 385 21.26 1.96 25.17
C SER A 385 22.69 1.44 25.16
N LEU A 386 23.66 2.30 25.50
CA LEU A 386 25.04 1.86 25.56
C LEU A 386 25.25 0.81 26.64
N ILE A 387 24.52 0.93 27.76
CA ILE A 387 24.65 -0.05 28.83
C ILE A 387 24.24 -1.43 28.36
N CYS A 388 23.13 -1.53 27.63
CA CYS A 388 22.67 -2.79 27.09
C CYS A 388 23.26 -3.10 25.72
N ARG A 389 24.17 -2.26 25.22
CA ARG A 389 24.86 -2.47 23.95
C ARG A 389 23.88 -2.56 22.78
N LEU A 390 22.85 -1.72 22.79
CA LEU A 390 22.13 -1.46 21.55
C LEU A 390 23.04 -0.78 20.54
N TYR A 391 23.88 0.14 21.01
CA TYR A 391 24.97 0.73 20.26
C TYR A 391 26.28 0.24 20.84
N ASP A 392 27.39 0.78 20.33
CA ASP A 392 28.71 0.48 20.85
C ASP A 392 29.48 1.77 21.07
N VAL A 393 30.14 1.87 22.23
CA VAL A 393 30.94 3.05 22.54
C VAL A 393 32.13 3.11 21.61
N THR A 394 32.39 4.29 21.05
CA THR A 394 33.43 4.43 20.04
C THR A 394 34.81 4.55 20.65
N SER A 395 34.96 5.36 21.70
CA SER A 395 36.28 5.61 22.28
C SER A 395 36.25 5.55 23.80
N GLY A 396 35.61 4.53 24.37
CA GLY A 396 35.58 4.37 25.80
C GLY A 396 35.51 2.92 26.23
N SER A 397 35.16 2.68 27.49
CA SER A 397 35.02 1.32 28.00
C SER A 397 33.72 1.19 28.77
N LEU A 398 33.03 0.09 28.57
CA LEU A 398 31.79 -0.22 29.29
C LEU A 398 31.86 -1.67 29.71
N ARG A 399 32.02 -1.92 31.01
CA ARG A 399 32.25 -3.26 31.52
C ARG A 399 31.20 -3.62 32.55
N ILE A 400 30.54 -4.75 32.34
CA ILE A 400 29.57 -5.30 33.29
C ILE A 400 30.23 -6.47 34.01
N ASP A 401 30.20 -6.44 35.34
CA ASP A 401 30.87 -7.44 36.16
C ASP A 401 32.35 -7.54 35.82
N GLY A 402 32.97 -6.39 35.59
CA GLY A 402 34.40 -6.34 35.32
C GLY A 402 34.77 -6.55 33.87
N VAL A 403 34.12 -7.51 33.22
CA VAL A 403 34.45 -7.83 31.83
C VAL A 403 33.77 -6.85 30.90
N ASP A 404 34.48 -6.45 29.84
CA ASP A 404 33.95 -5.51 28.88
C ASP A 404 32.77 -6.11 28.12
N VAL A 405 31.81 -5.25 27.77
CA VAL A 405 30.62 -5.69 27.05
C VAL A 405 30.98 -6.13 25.64
N ARG A 406 31.93 -5.44 25.00
CA ARG A 406 32.23 -5.69 23.59
C ARG A 406 32.64 -7.14 23.35
N ASP A 407 33.32 -7.76 24.30
CA ASP A 407 33.70 -9.17 24.21
C ASP A 407 32.89 -9.93 25.27
N LEU A 408 31.68 -10.31 24.90
CA LEU A 408 30.75 -10.99 25.78
C LEU A 408 29.57 -11.49 24.96
N ASP A 409 29.03 -12.64 25.34
CA ASP A 409 27.88 -13.19 24.63
C ASP A 409 26.70 -12.23 24.73
N ILE A 410 26.25 -11.73 23.58
CA ILE A 410 25.21 -10.70 23.59
C ILE A 410 23.90 -11.25 24.11
N GLU A 411 23.60 -12.53 23.85
CA GLU A 411 22.35 -13.11 24.33
C GLU A 411 22.33 -13.24 25.84
N GLN A 412 23.46 -13.62 26.44
CA GLN A 412 23.52 -13.68 27.90
C GLN A 412 23.34 -12.31 28.52
N LEU A 413 23.91 -11.26 27.91
CA LEU A 413 23.66 -9.91 28.37
C LEU A 413 22.19 -9.53 28.20
N TRP A 414 21.55 -9.97 27.11
CA TRP A 414 20.13 -9.72 26.92
C TRP A 414 19.30 -10.36 28.03
N SER A 415 19.64 -11.58 28.41
CA SER A 415 18.79 -12.39 29.28
C SER A 415 18.60 -11.82 30.68
N ALA A 416 19.51 -10.98 31.16
CA ALA A 416 19.47 -10.52 32.55
C ALA A 416 19.75 -9.02 32.63
N ILE A 417 18.99 -8.21 31.88
CA ILE A 417 19.25 -6.78 31.80
C ILE A 417 18.01 -5.93 32.05
N GLY A 418 16.84 -6.55 32.25
CA GLY A 418 15.59 -5.89 32.59
C GLY A 418 15.31 -4.53 31.97
N LEU A 419 15.20 -4.45 30.64
CA LEU A 419 15.08 -3.16 29.97
C LEU A 419 13.62 -2.72 29.89
N VAL A 420 13.37 -1.48 30.28
CA VAL A 420 12.07 -0.82 30.11
C VAL A 420 12.31 0.47 29.33
N PRO A 421 12.24 0.43 28.00
CA PRO A 421 12.62 1.60 27.21
C PRO A 421 11.60 2.71 27.33
N GLN A 422 12.01 3.89 26.85
CA GLN A 422 11.13 5.06 26.87
C GLN A 422 9.93 4.87 25.96
N ARG A 423 10.12 4.18 24.83
CA ARG A 423 9.08 4.06 23.82
C ARG A 423 7.83 3.35 24.34
N GLY A 424 7.95 2.05 24.64
CA GLY A 424 6.81 1.29 25.09
C GLY A 424 6.10 0.61 23.93
N TYR A 425 6.27 -0.70 23.80
CA TYR A 425 5.67 -1.46 22.71
C TYR A 425 5.10 -2.76 23.24
N LEU A 426 3.86 -3.05 22.87
CA LEU A 426 3.19 -4.29 23.25
C LEU A 426 2.78 -5.03 21.99
N PHE A 427 3.17 -6.29 21.90
CA PHE A 427 2.89 -7.09 20.71
C PHE A 427 1.44 -7.60 20.73
N SER A 428 0.96 -7.96 19.55
CA SER A 428 -0.41 -8.44 19.41
C SER A 428 -0.59 -9.77 20.13
N GLY A 429 -1.82 -10.00 20.59
CA GLY A 429 -2.13 -11.20 21.34
C GLY A 429 -2.85 -10.89 22.63
N THR A 430 -2.51 -11.61 23.70
CA THR A 430 -3.09 -11.39 25.01
C THR A 430 -2.06 -10.75 25.94
N VAL A 431 -2.57 -10.23 27.05
CA VAL A 431 -1.67 -9.65 28.07
C VAL A 431 -0.73 -10.72 28.61
N ALA A 432 -1.22 -11.95 28.77
CA ALA A 432 -0.37 -13.04 29.22
C ALA A 432 0.76 -13.30 28.25
N GLU A 433 0.47 -13.28 26.95
CA GLU A 433 1.51 -13.50 25.95
C GLU A 433 2.58 -12.42 26.02
N ASN A 434 2.16 -11.16 26.17
CA ASN A 434 3.13 -10.07 26.31
C ASN A 434 3.97 -10.23 27.56
N LEU A 435 3.34 -10.63 28.68
CA LEU A 435 4.08 -10.83 29.92
C LEU A 435 4.99 -12.05 29.85
N ARG A 436 4.73 -13.00 28.95
CA ARG A 436 5.57 -14.17 28.81
C ARG A 436 6.91 -13.88 28.15
N TYR A 437 7.11 -12.66 27.64
CA TYR A 437 8.41 -12.31 27.08
C TYR A 437 9.50 -12.34 28.14
N GLY A 438 9.18 -11.88 29.35
CA GLY A 438 10.12 -11.93 30.44
C GLY A 438 10.49 -13.35 30.82
N ARG A 439 9.50 -14.11 31.28
CA ARG A 439 9.67 -15.52 31.60
C ARG A 439 8.82 -16.35 30.65
N ALA A 440 9.45 -17.29 29.95
CA ALA A 440 8.71 -18.12 28.99
C ALA A 440 7.72 -19.03 29.70
N ASP A 441 8.01 -19.41 30.95
CA ASP A 441 7.13 -20.27 31.74
C ASP A 441 6.80 -19.54 33.04
N ALA A 442 5.74 -18.74 33.03
CA ALA A 442 5.32 -17.98 34.19
C ALA A 442 3.92 -18.40 34.60
N THR A 443 3.76 -18.66 35.89
CA THR A 443 2.48 -19.07 36.43
C THR A 443 1.57 -17.86 36.64
N ASP A 444 0.26 -18.12 36.69
CA ASP A 444 -0.69 -17.05 36.91
C ASP A 444 -0.50 -16.41 38.28
N ASP A 445 -0.16 -17.21 39.29
CA ASP A 445 0.12 -16.65 40.60
C ASP A 445 1.34 -15.74 40.59
N GLU A 446 2.27 -15.95 39.66
CA GLU A 446 3.42 -15.09 39.50
C GLU A 446 3.14 -13.91 38.56
N MET A 447 2.37 -14.14 37.50
CA MET A 447 1.98 -13.05 36.62
C MET A 447 1.14 -12.00 37.34
N TRP A 448 0.20 -12.43 38.19
CA TRP A 448 -0.61 -11.48 38.94
C TRP A 448 0.24 -10.68 39.92
N GLU A 449 1.23 -11.32 40.54
CA GLU A 449 2.13 -10.58 41.43
C GLU A 449 2.94 -9.56 40.66
N ALA A 450 3.56 -9.96 39.55
CA ALA A 450 4.32 -9.05 38.72
C ALA A 450 3.46 -7.94 38.12
N LEU A 451 2.23 -8.30 37.84
CA LEU A 451 1.30 -7.39 37.26
C LEU A 451 0.92 -6.46 38.36
N ARG A 452 0.62 -7.04 39.50
CA ARG A 452 0.22 -6.29 40.65
C ARG A 452 1.17 -5.20 41.03
N VAL A 453 2.47 -5.50 41.02
CA VAL A 453 3.47 -4.52 41.36
C VAL A 453 3.33 -3.31 40.52
N ALA A 454 3.41 -3.49 39.23
CA ALA A 454 3.33 -2.31 38.37
C ALA A 454 1.99 -1.59 38.48
N ALA A 455 1.16 -1.95 39.46
CA ALA A 455 -0.17 -1.37 39.66
C ALA A 455 -1.06 -1.51 38.44
N ALA A 456 -0.72 -2.44 37.56
CA ALA A 456 -1.50 -2.71 36.35
C ALA A 456 -2.47 -3.86 36.53
N ALA A 457 -2.56 -4.43 37.73
CA ALA A 457 -3.45 -5.57 37.95
C ALA A 457 -4.91 -5.15 37.85
N ASP A 458 -5.27 -4.02 38.45
CA ASP A 458 -6.67 -3.61 38.50
C ASP A 458 -7.06 -2.70 37.34
N PHE A 459 -6.63 -3.07 36.14
CA PHE A 459 -7.32 -2.67 34.92
C PHE A 459 -7.38 -3.81 33.92
N VAL A 460 -6.76 -4.94 34.21
CA VAL A 460 -6.96 -6.17 33.45
C VAL A 460 -7.73 -7.21 34.24
N ARG A 461 -7.77 -7.12 35.57
CA ARG A 461 -8.63 -8.00 36.35
C ARG A 461 -10.09 -7.60 36.24
N ALA A 462 -10.36 -6.33 35.97
CA ALA A 462 -11.71 -5.84 35.73
C ALA A 462 -12.18 -6.10 34.30
N HIS A 463 -11.40 -6.87 33.52
CA HIS A 463 -11.75 -7.24 32.17
C HIS A 463 -12.40 -8.62 32.15
N PRO A 464 -13.40 -8.85 31.30
CA PRO A 464 -14.07 -10.15 31.31
C PRO A 464 -13.16 -11.33 31.02
N GLN A 465 -12.15 -11.15 30.16
CA GLN A 465 -11.23 -12.23 29.83
C GLN A 465 -10.08 -12.37 30.81
N GLY A 466 -9.94 -11.44 31.76
CA GLY A 466 -8.87 -11.56 32.74
C GLY A 466 -7.50 -11.47 32.10
N LEU A 467 -6.64 -12.42 32.44
CA LEU A 467 -5.27 -12.41 31.94
C LEU A 467 -5.20 -12.59 30.43
N ASP A 468 -6.23 -13.16 29.81
CA ASP A 468 -6.23 -13.41 28.37
C ASP A 468 -6.87 -12.30 27.56
N MET A 469 -6.94 -11.09 28.12
CA MET A 469 -7.62 -10.00 27.43
C MET A 469 -6.83 -9.60 26.20
N PRO A 470 -7.48 -9.35 25.07
CA PRO A 470 -6.74 -9.12 23.82
C PRO A 470 -5.93 -7.83 23.86
N VAL A 471 -4.82 -7.85 23.12
CA VAL A 471 -3.95 -6.68 22.97
C VAL A 471 -3.89 -6.33 21.48
N ALA A 472 -3.89 -5.04 21.18
CA ALA A 472 -3.94 -4.57 19.80
C ALA A 472 -2.61 -4.84 19.12
N GLN A 473 -2.49 -4.36 17.87
CA GLN A 473 -1.29 -4.63 17.07
C GLN A 473 -0.04 -4.11 17.75
N GLY A 474 -0.08 -2.88 18.25
CA GLY A 474 1.04 -2.32 18.97
C GLY A 474 0.64 -1.81 20.34
N GLY A 475 -0.29 -2.52 20.96
CA GLY A 475 -0.88 -2.03 22.21
C GLY A 475 -1.63 -0.73 22.04
N ILE A 476 -2.26 -0.53 20.89
CA ILE A 476 -2.92 0.74 20.61
C ILE A 476 -4.29 0.83 21.28
N ASN A 477 -4.87 -0.29 21.71
CA ASN A 477 -6.12 -0.22 22.45
C ASN A 477 -5.94 0.44 23.81
N PHE A 478 -4.71 0.48 24.32
CA PHE A 478 -4.42 1.14 25.56
C PHE A 478 -4.36 2.65 25.35
N SER A 479 -4.36 3.39 26.45
CA SER A 479 -4.43 4.84 26.41
C SER A 479 -3.09 5.54 26.55
N GLY A 480 -2.02 4.80 26.85
CA GLY A 480 -0.77 5.45 27.22
C GLY A 480 -0.75 5.64 28.71
N GLY A 481 0.26 5.10 29.39
CA GLY A 481 0.23 4.96 30.82
C GLY A 481 -0.31 3.64 31.29
N GLN A 482 -1.04 2.92 30.44
CA GLN A 482 -1.34 1.51 30.61
C GLN A 482 -0.42 0.63 29.78
N ARG A 483 -0.13 1.04 28.55
CA ARG A 483 0.83 0.32 27.72
C ARG A 483 2.22 0.31 28.35
N GLN A 484 2.73 1.48 28.70
CA GLN A 484 4.05 1.56 29.33
C GLN A 484 4.03 1.13 30.79
N ARG A 485 2.84 0.93 31.37
CA ARG A 485 2.76 0.29 32.68
C ARG A 485 2.84 -1.23 32.56
N LEU A 486 2.23 -1.79 31.52
CA LEU A 486 2.41 -3.21 31.22
C LEU A 486 3.84 -3.50 30.79
N ALA A 487 4.50 -2.52 30.16
CA ALA A 487 5.91 -2.68 29.81
C ALA A 487 6.77 -2.88 31.06
N ILE A 488 6.46 -2.15 32.13
CA ILE A 488 7.17 -2.34 33.40
C ILE A 488 6.90 -3.73 33.96
N ALA A 489 5.66 -4.21 33.87
CA ALA A 489 5.32 -5.52 34.40
C ALA A 489 6.04 -6.63 33.64
N ARG A 490 6.12 -6.52 32.32
CA ARG A 490 6.76 -7.56 31.53
C ARG A 490 8.26 -7.65 31.79
N ALA A 491 8.86 -6.61 32.38
CA ALA A 491 10.26 -6.68 32.74
C ALA A 491 10.46 -7.04 34.21
N VAL A 492 9.53 -6.63 35.08
CA VAL A 492 9.63 -7.03 36.48
C VAL A 492 9.29 -8.51 36.64
N ILE A 493 8.56 -9.11 35.70
CA ILE A 493 8.31 -10.54 35.75
C ILE A 493 9.56 -11.33 35.43
N ARG A 494 10.55 -10.70 34.79
CA ARG A 494 11.78 -11.40 34.44
C ARG A 494 12.63 -11.69 35.67
N ARG A 495 12.48 -10.91 36.73
CA ARG A 495 13.36 -10.96 37.90
C ARG A 495 14.83 -10.95 37.50
N PRO A 496 15.27 -9.94 36.75
CA PRO A 496 16.65 -9.94 36.25
C PRO A 496 17.61 -9.41 37.32
N ALA A 497 18.90 -9.60 37.04
CA ALA A 497 19.95 -9.01 37.86
C ALA A 497 20.16 -7.53 37.59
N ILE A 498 19.62 -7.02 36.48
CA ILE A 498 19.75 -5.61 36.12
C ILE A 498 18.39 -5.09 35.69
N TYR A 499 18.04 -3.91 36.19
CA TYR A 499 16.89 -3.15 35.74
C TYR A 499 17.37 -1.86 35.09
N LEU A 500 16.83 -1.53 33.92
CA LEU A 500 17.21 -0.34 33.17
C LEU A 500 15.91 0.37 32.77
N PHE A 501 15.47 1.31 33.60
CA PHE A 501 14.27 2.06 33.32
C PHE A 501 14.62 3.34 32.56
N ASP A 502 13.85 3.64 31.51
CA ASP A 502 14.15 4.78 30.66
C ASP A 502 13.03 5.80 30.70
N ASP A 503 12.57 6.14 31.92
CA ASP A 503 11.54 7.16 32.12
C ASP A 503 10.21 6.72 31.51
N ALA A 504 9.76 5.53 31.91
CA ALA A 504 8.44 5.03 31.55
C ALA A 504 7.38 5.44 32.57
N PHE A 505 7.68 6.42 33.42
CA PHE A 505 6.78 6.87 34.46
C PHE A 505 5.98 8.10 34.06
N SER A 506 6.14 8.57 32.82
CA SER A 506 5.33 9.68 32.34
C SER A 506 3.92 9.21 32.04
N ALA A 507 3.03 10.17 31.78
CA ALA A 507 1.63 9.91 31.47
C ALA A 507 0.92 9.17 32.60
N LEU A 508 1.47 9.21 33.81
CA LEU A 508 0.87 8.60 34.99
C LEU A 508 0.51 9.69 35.98
N ASP A 509 -0.71 9.62 36.52
CA ASP A 509 -1.12 10.57 37.53
C ASP A 509 -0.32 10.35 38.82
N VAL A 510 -0.54 11.25 39.78
CA VAL A 510 0.32 11.28 40.97
C VAL A 510 0.21 9.99 41.76
N HIS A 511 -1.03 9.53 42.01
CA HIS A 511 -1.22 8.36 42.85
C HIS A 511 -0.64 7.11 42.20
N THR A 512 -0.93 6.89 40.92
CA THR A 512 -0.41 5.71 40.24
C THR A 512 1.11 5.76 40.12
N ASP A 513 1.67 6.92 39.82
CA ASP A 513 3.12 7.05 39.73
C ASP A 513 3.78 6.73 41.07
N ALA A 514 3.23 7.28 42.16
CA ALA A 514 3.79 7.00 43.48
C ALA A 514 3.67 5.52 43.82
N ARG A 515 2.51 4.93 43.54
CA ARG A 515 2.31 3.51 43.85
C ARG A 515 3.30 2.64 43.08
N VAL A 516 3.47 2.92 41.79
CA VAL A 516 4.37 2.11 40.96
C VAL A 516 5.81 2.28 41.43
N ARG A 517 6.25 3.52 41.64
CA ARG A 517 7.63 3.76 42.00
C ARG A 517 7.95 3.35 43.44
N ASP A 518 6.95 3.19 44.29
CA ASP A 518 7.16 2.63 45.62
C ASP A 518 7.10 1.12 45.63
N ALA A 519 6.27 0.51 44.77
CA ALA A 519 6.21 -0.95 44.72
C ALA A 519 7.43 -1.54 44.04
N LEU A 520 7.90 -0.94 42.94
CA LEU A 520 9.09 -1.46 42.28
C LEU A 520 10.37 -1.14 43.03
N ARG A 521 10.33 -0.20 43.97
CA ARG A 521 11.48 0.05 44.83
C ARG A 521 11.65 -1.03 45.89
N GLU A 522 10.67 -1.92 46.06
CA GLU A 522 10.75 -3.03 46.99
C GLU A 522 11.20 -4.32 46.32
N VAL A 523 10.62 -4.65 45.16
CA VAL A 523 11.02 -5.86 44.45
C VAL A 523 12.45 -5.74 43.95
N ALA A 524 12.93 -4.52 43.71
CA ALA A 524 14.29 -4.28 43.27
C ALA A 524 15.21 -3.91 44.42
N ALA A 525 14.96 -4.45 45.61
CA ALA A 525 15.79 -4.13 46.76
C ALA A 525 17.23 -4.60 46.56
N ASP A 526 17.41 -5.80 46.01
CA ASP A 526 18.73 -6.36 45.73
C ASP A 526 18.83 -6.59 44.23
N ALA A 527 19.20 -5.54 43.50
CA ALA A 527 19.35 -5.59 42.05
C ALA A 527 19.98 -4.29 41.58
N THR A 528 20.84 -4.39 40.57
CA THR A 528 21.44 -3.21 39.97
C THR A 528 20.40 -2.49 39.14
N VAL A 529 19.94 -1.33 39.62
CA VAL A 529 18.85 -0.59 38.99
C VAL A 529 19.40 0.75 38.52
N VAL A 530 19.23 1.03 37.23
CA VAL A 530 19.55 2.33 36.65
C VAL A 530 18.25 2.90 36.10
N ILE A 531 17.78 3.99 36.69
CA ILE A 531 16.49 4.58 36.34
C ILE A 531 16.73 6.00 35.84
N VAL A 532 16.20 6.31 34.67
CA VAL A 532 16.23 7.68 34.15
C VAL A 532 15.14 8.45 34.89
N SER A 533 15.53 9.16 35.94
CA SER A 533 14.58 9.85 36.80
C SER A 533 14.52 11.33 36.44
N GLN A 534 13.34 11.91 36.59
CA GLN A 534 13.13 13.32 36.34
C GLN A 534 12.75 14.11 37.58
N ARG A 535 11.96 13.51 38.47
CA ARG A 535 11.56 14.19 39.70
C ARG A 535 12.62 14.00 40.76
N ILE A 536 13.15 15.11 41.29
CA ILE A 536 14.22 15.05 42.29
C ILE A 536 13.74 14.37 43.56
N SER A 537 12.47 14.56 43.92
CA SER A 537 11.94 13.93 45.12
C SER A 537 11.94 12.41 45.06
N THR A 538 12.11 11.83 43.87
CA THR A 538 12.21 10.38 43.70
C THR A 538 13.66 9.93 43.58
N VAL A 539 14.62 10.81 43.86
CA VAL A 539 16.03 10.48 43.78
C VAL A 539 16.70 10.47 45.16
N ILE A 540 16.02 10.92 46.20
CA ILE A 540 16.62 10.94 47.53
C ILE A 540 16.97 9.52 47.98
N GLU A 541 16.09 8.56 47.71
CA GLU A 541 16.33 7.17 48.08
C GLU A 541 17.37 6.49 47.20
N ALA A 542 17.72 7.08 46.06
CA ALA A 542 18.70 6.47 45.17
C ALA A 542 20.08 6.47 45.83
N ASP A 543 20.80 5.36 45.64
CA ASP A 543 22.14 5.25 46.23
C ASP A 543 23.13 6.17 45.54
N GLN A 544 22.99 6.38 44.24
CA GLN A 544 23.91 7.26 43.51
C GLN A 544 23.11 8.06 42.49
N VAL A 545 23.57 9.28 42.24
CA VAL A 545 22.93 10.19 41.30
C VAL A 545 23.96 10.65 40.28
N VAL A 546 23.58 10.64 39.01
CA VAL A 546 24.43 11.06 37.90
C VAL A 546 23.77 12.27 37.25
N VAL A 547 24.58 13.26 36.87
CA VAL A 547 24.10 14.59 36.53
C VAL A 547 24.47 14.91 35.08
N ILE A 548 24.14 13.99 34.17
CA ILE A 548 24.37 14.24 32.75
C ILE A 548 23.84 15.61 32.37
N ASP A 549 24.58 16.34 31.54
CA ASP A 549 24.11 17.66 31.12
C ASP A 549 24.63 17.93 29.70
N ASP A 550 23.78 17.69 28.71
CA ASP A 550 24.05 18.00 27.31
C ASP A 550 25.45 17.55 26.91
N GLY A 551 25.70 16.26 27.12
CA GLY A 551 27.03 15.73 26.95
C GLY A 551 27.52 14.95 28.15
N ARG A 552 28.53 15.49 28.83
CA ARG A 552 29.20 14.78 29.91
C ARG A 552 28.45 14.93 31.23
N VAL A 553 28.99 14.28 32.25
CA VAL A 553 28.48 14.43 33.62
C VAL A 553 28.97 15.76 34.17
N VAL A 554 28.12 16.42 34.97
CA VAL A 554 28.57 17.59 35.70
C VAL A 554 28.46 17.40 37.21
N GLY A 555 28.22 16.18 37.67
CA GLY A 555 28.18 15.90 39.10
C GLY A 555 27.90 14.45 39.42
N ILE A 556 28.50 13.94 40.50
CA ILE A 556 28.29 12.58 40.96
C ILE A 556 28.26 12.58 42.48
N GLY A 557 27.24 11.95 43.05
CA GLY A 557 27.11 11.87 44.48
C GLY A 557 25.69 11.55 44.88
N THR A 558 25.42 11.74 46.17
CA THR A 558 24.08 11.54 46.71
C THR A 558 23.28 12.83 46.59
N HIS A 559 22.11 12.87 47.22
CA HIS A 559 21.24 14.04 47.10
C HIS A 559 21.85 15.27 47.74
N ASP A 560 22.31 15.14 48.99
CA ASP A 560 22.79 16.31 49.73
C ASP A 560 24.09 16.84 49.15
N THR A 561 25.04 15.94 48.87
CA THR A 561 26.33 16.38 48.34
C THR A 561 26.16 17.04 46.97
N LEU A 562 25.29 16.49 46.13
CA LEU A 562 25.08 17.09 44.82
C LEU A 562 24.32 18.41 44.92
N LEU A 563 23.40 18.52 45.88
CA LEU A 563 22.74 19.80 46.11
C LEU A 563 23.74 20.86 46.55
N ALA A 564 24.69 20.47 47.41
CA ALA A 564 25.69 21.43 47.89
C ALA A 564 26.67 21.81 46.79
N ASP A 565 27.13 20.83 46.00
CA ASP A 565 28.20 21.07 45.05
C ASP A 565 27.67 21.38 43.65
N CYS A 566 26.90 20.49 43.06
CA CYS A 566 26.47 20.62 41.68
C CYS A 566 25.47 21.76 41.53
N PRO A 567 25.72 22.74 40.65
CA PRO A 567 24.75 23.83 40.49
C PRO A 567 23.56 23.48 39.62
N ILE A 568 23.73 22.59 38.64
CA ILE A 568 22.62 22.20 37.77
C ILE A 568 21.61 21.35 38.55
N TYR A 569 22.10 20.46 39.41
CA TYR A 569 21.19 19.71 40.27
C TYR A 569 20.44 20.65 41.21
N ALA A 570 21.13 21.67 41.72
CA ALA A 570 20.46 22.68 42.54
C ALA A 570 19.40 23.43 41.72
N GLU A 571 19.69 23.72 40.45
CA GLU A 571 18.70 24.35 39.60
C GLU A 571 17.47 23.46 39.41
N PHE A 572 17.69 22.17 39.18
CA PHE A 572 16.57 21.23 39.08
C PHE A 572 15.74 21.22 40.35
N ALA A 573 16.39 21.14 41.51
CA ALA A 573 15.67 21.09 42.77
C ALA A 573 14.89 22.39 43.00
N GLU A 574 15.51 23.54 42.72
CA GLU A 574 14.82 24.81 42.90
C GLU A 574 13.63 24.94 41.95
N SER A 575 13.79 24.49 40.70
CA SER A 575 12.73 24.63 39.72
C SER A 575 11.59 23.66 39.94
N GLN A 576 11.82 22.54 40.60
CA GLN A 576 10.69 21.68 40.81
C GLN A 576 10.35 21.64 42.27
N ALA A 577 10.69 22.71 42.97
CA ALA A 577 10.43 22.82 44.37
C ALA A 577 8.94 22.79 44.58
N LEU A 578 8.26 23.77 44.02
CA LEU A 578 6.81 23.85 44.16
C LEU A 578 6.18 24.40 42.89
N LEU B 6 -3.42 -8.86 -13.21
CA LEU B 6 -4.34 -9.98 -13.02
C LEU B 6 -5.14 -9.80 -11.74
N PRO B 7 -6.46 -10.01 -11.82
CA PRO B 7 -7.30 -9.83 -10.64
C PRO B 7 -7.05 -10.90 -9.59
N GLN B 8 -6.99 -10.47 -8.33
CA GLN B 8 -6.80 -11.40 -7.22
C GLN B 8 -7.67 -11.09 -6.02
N ALA B 9 -8.48 -10.03 -6.06
CA ALA B 9 -9.38 -9.75 -4.95
C ALA B 9 -10.39 -10.88 -4.80
N PRO B 10 -10.51 -11.49 -3.62
CA PRO B 10 -11.33 -12.71 -3.50
C PRO B 10 -12.79 -12.52 -3.86
N LEU B 11 -13.49 -11.67 -3.11
CA LEU B 11 -14.90 -11.37 -3.33
C LEU B 11 -15.32 -10.36 -2.25
N GLU B 12 -16.47 -9.74 -2.49
CA GLU B 12 -17.12 -8.88 -1.50
C GLU B 12 -18.62 -9.03 -1.63
N ARG B 13 -19.33 -8.68 -0.56
CA ARG B 13 -20.79 -8.77 -0.52
C ARG B 13 -21.38 -7.38 -0.63
N THR B 14 -22.35 -7.22 -1.53
CA THR B 14 -22.98 -5.93 -1.80
C THR B 14 -24.39 -5.92 -1.22
N ARG B 15 -24.72 -4.86 -0.49
CA ARG B 15 -26.08 -4.72 0.05
C ARG B 15 -27.10 -4.61 -1.07
N ASP B 16 -26.79 -3.82 -2.10
CA ASP B 16 -27.68 -3.66 -3.25
C ASP B 16 -26.82 -3.40 -4.47
N PHE B 17 -26.66 -4.43 -5.31
CA PHE B 17 -25.78 -4.32 -6.47
C PHE B 17 -26.33 -3.31 -7.49
N LYS B 18 -27.60 -3.46 -7.86
CA LYS B 18 -28.12 -2.67 -8.97
C LYS B 18 -28.28 -1.19 -8.60
N GLY B 19 -28.68 -0.89 -7.36
CA GLY B 19 -28.78 0.50 -6.97
C GLY B 19 -27.44 1.21 -6.95
N SER B 20 -26.42 0.54 -6.40
CA SER B 20 -25.07 1.11 -6.42
C SER B 20 -24.55 1.24 -7.85
N ALA B 21 -24.85 0.27 -8.72
CA ALA B 21 -24.44 0.38 -10.11
C ALA B 21 -25.10 1.57 -10.80
N ILE B 22 -26.39 1.78 -10.54
CA ILE B 22 -27.08 2.92 -11.13
C ILE B 22 -26.49 4.23 -10.61
N ARG B 23 -26.20 4.29 -9.32
CA ARG B 23 -25.59 5.51 -8.78
C ARG B 23 -24.21 5.76 -9.38
N LEU B 24 -23.41 4.71 -9.54
CA LEU B 24 -22.09 4.87 -10.15
C LEU B 24 -22.21 5.31 -11.60
N ALA B 25 -23.18 4.77 -12.33
CA ALA B 25 -23.39 5.21 -13.71
C ALA B 25 -23.81 6.67 -13.77
N ARG B 26 -24.71 7.08 -12.88
CA ARG B 26 -25.13 8.47 -12.80
C ARG B 26 -24.00 9.40 -12.36
N ARG B 27 -22.98 8.87 -11.66
CA ARG B 27 -21.83 9.68 -11.30
C ARG B 27 -21.19 10.29 -12.54
N LEU B 28 -21.07 9.52 -13.61
CA LEU B 28 -20.49 10.03 -14.86
C LEU B 28 -21.57 10.64 -15.76
N LEU B 29 -22.48 11.38 -15.15
CA LEU B 29 -23.60 11.90 -15.91
C LEU B 29 -23.34 13.18 -16.61
N PRO B 30 -22.47 14.00 -16.05
CA PRO B 30 -22.17 15.25 -16.73
C PRO B 30 -21.56 14.97 -18.08
N GLN B 31 -20.62 14.04 -18.15
CA GLN B 31 -20.02 13.70 -19.41
C GLN B 31 -21.01 12.94 -20.28
N ARG B 32 -22.26 13.36 -20.33
CA ARG B 32 -23.18 12.56 -21.13
C ARG B 32 -22.83 12.61 -22.61
N ALA B 33 -22.47 13.79 -23.12
CA ALA B 33 -22.11 13.91 -24.52
C ALA B 33 -20.85 13.11 -24.83
N LEU B 34 -19.84 13.20 -23.95
CA LEU B 34 -18.61 12.44 -24.16
C LEU B 34 -18.86 10.94 -24.11
N THR B 35 -19.69 10.49 -23.18
CA THR B 35 -20.01 9.07 -23.10
C THR B 35 -20.74 8.61 -24.35
N LEU B 36 -21.70 9.39 -24.84
CA LEU B 36 -22.41 9.03 -26.05
C LEU B 36 -21.46 8.96 -27.24
N ALA B 37 -20.54 9.94 -27.33
CA ALA B 37 -19.54 9.91 -28.39
C ALA B 37 -18.64 8.70 -28.31
N VAL B 38 -18.25 8.28 -27.11
CA VAL B 38 -17.48 7.05 -26.94
C VAL B 38 -18.25 5.83 -27.39
N ILE B 39 -19.52 5.72 -27.01
CA ILE B 39 -20.32 4.56 -27.38
C ILE B 39 -20.49 4.49 -28.90
N LEU B 40 -20.85 5.61 -29.51
CA LEU B 40 -21.06 5.61 -30.97
C LEU B 40 -19.78 5.33 -31.71
N LEU B 41 -18.65 5.90 -31.27
CA LEU B 41 -17.38 5.61 -31.91
C LEU B 41 -17.02 4.14 -31.78
N GLY B 42 -17.24 3.55 -30.61
CA GLY B 42 -16.99 2.13 -30.44
C GLY B 42 -17.82 1.28 -31.38
N VAL B 43 -19.11 1.62 -31.50
CA VAL B 43 -20.00 0.85 -32.38
C VAL B 43 -19.54 0.97 -33.82
N GLY B 44 -19.24 2.19 -34.27
CA GLY B 44 -18.80 2.36 -35.65
C GLY B 44 -17.51 1.64 -35.95
N GLY B 45 -16.52 1.79 -35.06
CA GLY B 45 -15.27 1.09 -35.22
C GLY B 45 -15.39 -0.42 -35.21
N ILE B 46 -16.21 -0.97 -34.34
CA ILE B 46 -16.38 -2.42 -34.29
C ILE B 46 -17.11 -2.93 -35.53
N ALA B 47 -18.09 -2.18 -36.05
CA ALA B 47 -18.76 -2.59 -37.28
C ALA B 47 -17.79 -2.58 -38.46
N ILE B 48 -16.99 -1.51 -38.56
CA ILE B 48 -16.04 -1.43 -39.68
C ILE B 48 -14.97 -2.51 -39.55
N GLY B 49 -14.55 -2.81 -38.33
CA GLY B 49 -13.56 -3.86 -38.14
C GLY B 49 -14.09 -5.27 -38.35
N VAL B 50 -15.39 -5.48 -38.17
CA VAL B 50 -15.96 -6.80 -38.41
C VAL B 50 -16.39 -6.98 -39.86
N ILE B 51 -16.61 -5.90 -40.60
CA ILE B 51 -17.00 -6.04 -42.00
C ILE B 51 -15.81 -6.27 -42.93
N GLY B 52 -14.60 -5.94 -42.51
CA GLY B 52 -13.42 -6.06 -43.34
C GLY B 52 -13.05 -7.47 -43.76
N PRO B 53 -13.04 -8.41 -42.80
CA PRO B 53 -12.74 -9.81 -43.18
C PRO B 53 -13.69 -10.36 -44.23
N ARG B 54 -14.93 -9.89 -44.28
CA ARG B 54 -15.81 -10.28 -45.38
C ARG B 54 -15.27 -9.80 -46.72
N ILE B 55 -14.74 -8.58 -46.76
CA ILE B 55 -14.12 -8.07 -47.99
C ILE B 55 -12.91 -8.91 -48.37
N LEU B 56 -12.08 -9.27 -47.39
CA LEU B 56 -10.94 -10.14 -47.68
C LEU B 56 -11.39 -11.49 -48.19
N GLY B 57 -12.46 -12.04 -47.61
CA GLY B 57 -13.05 -13.27 -48.12
C GLY B 57 -13.54 -13.16 -49.55
N HIS B 58 -14.19 -12.07 -49.91
CA HIS B 58 -14.55 -11.86 -51.30
C HIS B 58 -13.34 -11.79 -52.22
N ALA B 59 -12.28 -11.12 -51.79
CA ALA B 59 -11.07 -11.04 -52.59
C ALA B 59 -10.47 -12.42 -52.84
N THR B 60 -10.32 -13.23 -51.78
CA THR B 60 -9.76 -14.56 -51.98
C THR B 60 -10.72 -15.46 -52.74
N ASP B 61 -12.03 -15.20 -52.63
CA ASP B 61 -12.99 -15.93 -53.45
C ASP B 61 -12.78 -15.65 -54.93
N LEU B 62 -12.57 -14.38 -55.28
CA LEU B 62 -12.26 -14.06 -56.67
C LEU B 62 -10.98 -14.73 -57.12
N LEU B 63 -9.96 -14.73 -56.25
CA LEU B 63 -8.70 -15.40 -56.57
C LEU B 63 -8.93 -16.89 -56.85
N PHE B 64 -9.69 -17.56 -55.99
CA PHE B 64 -9.97 -18.98 -56.18
C PHE B 64 -10.74 -19.24 -57.47
N ASN B 65 -11.78 -18.43 -57.73
CA ASN B 65 -12.55 -18.58 -58.95
C ASN B 65 -11.66 -18.48 -60.18
N GLY B 66 -10.84 -17.43 -60.26
CA GLY B 66 -9.95 -17.30 -61.40
C GLY B 66 -8.97 -18.45 -61.50
N VAL B 67 -8.36 -18.84 -60.38
CA VAL B 67 -7.28 -19.82 -60.40
C VAL B 67 -7.80 -21.17 -60.90
N ILE B 68 -8.94 -21.63 -60.37
CA ILE B 68 -9.44 -22.94 -60.76
C ILE B 68 -10.44 -22.87 -61.90
N GLY B 69 -10.71 -21.69 -62.45
CA GLY B 69 -11.44 -21.60 -63.69
C GLY B 69 -10.51 -21.49 -64.88
N ARG B 70 -9.26 -21.12 -64.61
CA ARG B 70 -8.26 -21.08 -65.68
C ARG B 70 -8.02 -22.48 -66.24
N GLU B 71 -7.97 -23.49 -65.38
CA GLU B 71 -7.64 -24.84 -65.83
C GLU B 71 -8.76 -25.47 -66.65
N LEU B 72 -10.00 -25.05 -66.45
CA LEU B 72 -11.11 -25.62 -67.21
C LEU B 72 -11.00 -25.24 -68.69
N PRO B 73 -11.48 -26.11 -69.58
CA PRO B 73 -11.43 -25.79 -71.01
C PRO B 73 -12.24 -24.53 -71.32
N ALA B 74 -11.74 -23.74 -72.26
CA ALA B 74 -12.38 -22.50 -72.65
C ALA B 74 -13.61 -22.79 -73.52
N GLY B 75 -14.44 -21.77 -73.66
CA GLY B 75 -15.66 -21.88 -74.46
C GLY B 75 -16.86 -22.44 -73.73
N LEU B 76 -16.67 -23.53 -72.99
CA LEU B 76 -17.77 -24.13 -72.24
C LEU B 76 -18.21 -23.21 -71.12
N THR B 77 -19.49 -23.30 -70.77
CA THR B 77 -20.04 -22.52 -69.67
C THR B 77 -19.96 -23.32 -68.37
N LYS B 78 -20.36 -22.68 -67.27
CA LYS B 78 -20.15 -23.27 -65.95
C LYS B 78 -21.01 -24.51 -65.74
N GLU B 79 -22.31 -24.42 -66.04
CA GLU B 79 -23.21 -25.52 -65.72
C GLU B 79 -22.98 -26.74 -66.61
N GLN B 80 -22.34 -26.58 -67.76
CA GLN B 80 -21.97 -27.73 -68.57
C GLN B 80 -20.58 -28.24 -68.22
N ALA B 81 -19.67 -27.36 -67.77
CA ALA B 81 -18.38 -27.82 -67.28
C ALA B 81 -18.54 -28.67 -66.03
N VAL B 82 -19.47 -28.28 -65.15
CA VAL B 82 -19.75 -29.08 -63.96
C VAL B 82 -20.26 -30.46 -64.35
N GLU B 83 -21.16 -30.52 -65.33
CA GLU B 83 -21.68 -31.80 -65.79
C GLU B 83 -20.58 -32.66 -66.40
N ALA B 84 -19.70 -32.03 -67.18
CA ALA B 84 -18.58 -32.77 -67.78
C ALA B 84 -17.65 -33.32 -66.71
N ALA B 85 -17.36 -32.53 -65.68
CA ALA B 85 -16.53 -33.01 -64.58
C ALA B 85 -17.20 -34.14 -63.83
N ARG B 86 -18.52 -34.04 -63.62
CA ARG B 86 -19.26 -35.10 -62.94
C ARG B 86 -19.22 -36.40 -63.75
N ALA B 87 -19.38 -36.29 -65.07
CA ALA B 87 -19.30 -37.47 -65.93
C ALA B 87 -17.91 -38.09 -65.95
N ARG B 88 -16.88 -37.31 -65.58
CA ARG B 88 -15.53 -37.83 -65.53
C ARG B 88 -15.31 -38.81 -64.38
N GLY B 89 -16.26 -38.91 -63.45
CA GLY B 89 -16.16 -39.78 -62.31
C GLY B 89 -15.80 -39.08 -61.02
N ASP B 90 -15.20 -37.90 -61.10
CA ASP B 90 -14.85 -37.11 -59.91
C ASP B 90 -16.02 -36.19 -59.56
N GLY B 91 -17.08 -36.82 -59.04
CA GLY B 91 -18.30 -36.10 -58.71
C GLY B 91 -18.14 -35.08 -57.60
N THR B 92 -17.27 -35.35 -56.63
CA THR B 92 -17.06 -34.39 -55.55
C THR B 92 -16.45 -33.08 -56.05
N PHE B 93 -15.53 -33.15 -57.01
CA PHE B 93 -14.98 -31.93 -57.59
C PHE B 93 -16.05 -31.16 -58.37
N ALA B 94 -16.96 -31.89 -59.03
CA ALA B 94 -18.09 -31.23 -59.69
C ALA B 94 -18.98 -30.54 -58.67
N ASP B 95 -19.22 -31.18 -57.53
CA ASP B 95 -20.00 -30.55 -56.47
C ASP B 95 -19.31 -29.28 -55.97
N LEU B 96 -17.98 -29.33 -55.84
CA LEU B 96 -17.24 -28.13 -55.46
C LEU B 96 -17.42 -27.03 -56.51
N LEU B 97 -17.34 -27.39 -57.78
CA LEU B 97 -17.49 -26.39 -58.84
C LEU B 97 -18.90 -25.83 -58.90
N SER B 98 -19.90 -26.61 -58.46
CA SER B 98 -21.28 -26.20 -58.61
C SER B 98 -21.58 -24.91 -57.86
N GLY B 99 -21.14 -24.82 -56.60
CA GLY B 99 -21.39 -23.64 -55.80
C GLY B 99 -20.28 -22.60 -55.95
N MET B 100 -20.16 -22.01 -57.13
CA MET B 100 -19.04 -21.14 -57.43
C MET B 100 -19.44 -20.15 -58.51
N ASP B 101 -18.56 -19.19 -58.76
CA ASP B 101 -18.80 -18.14 -59.76
C ASP B 101 -17.71 -18.16 -60.83
N ILE B 102 -17.39 -19.34 -61.34
CA ILE B 102 -16.30 -19.48 -62.29
C ILE B 102 -16.83 -19.35 -63.71
N VAL B 103 -16.01 -18.73 -64.56
CA VAL B 103 -16.23 -18.76 -66.01
C VAL B 103 -15.06 -19.53 -66.62
N PRO B 104 -15.32 -20.69 -67.22
CA PRO B 104 -14.22 -21.52 -67.73
C PRO B 104 -13.40 -20.80 -68.79
N GLY B 105 -12.09 -21.05 -68.77
CA GLY B 105 -11.18 -20.46 -69.73
C GLY B 105 -10.71 -19.06 -69.41
N GLN B 106 -11.15 -18.47 -68.31
CA GLN B 106 -10.78 -17.12 -67.94
C GLN B 106 -9.98 -17.14 -66.64
N GLY B 107 -8.90 -16.37 -66.60
CA GLY B 107 -8.01 -16.33 -65.46
C GLY B 107 -8.46 -15.34 -64.40
N VAL B 108 -7.56 -15.07 -63.47
CA VAL B 108 -7.86 -14.16 -62.37
C VAL B 108 -7.92 -12.73 -62.89
N ASP B 109 -8.99 -12.02 -62.52
CA ASP B 109 -9.14 -10.60 -62.85
C ASP B 109 -8.53 -9.81 -61.71
N PHE B 110 -7.28 -9.37 -61.89
CA PHE B 110 -6.58 -8.66 -60.83
C PHE B 110 -7.12 -7.26 -60.59
N GLY B 111 -7.81 -6.67 -61.57
CA GLY B 111 -8.37 -5.35 -61.36
C GLY B 111 -9.44 -5.34 -60.28
N ALA B 112 -10.35 -6.32 -60.33
CA ALA B 112 -11.38 -6.43 -59.31
C ALA B 112 -10.78 -6.71 -57.93
N VAL B 113 -9.77 -7.58 -57.88
CA VAL B 113 -9.10 -7.87 -56.62
C VAL B 113 -8.46 -6.62 -56.05
N GLY B 114 -7.78 -5.84 -56.90
CA GLY B 114 -7.15 -4.63 -56.44
C GLY B 114 -8.14 -3.60 -55.95
N ARG B 115 -9.23 -3.38 -56.70
CA ARG B 115 -10.21 -2.39 -56.29
C ARG B 115 -11.09 -2.86 -55.14
N THR B 116 -11.07 -4.16 -54.81
CA THR B 116 -11.71 -4.62 -53.59
C THR B 116 -10.79 -4.47 -52.39
N LEU B 117 -9.50 -4.79 -52.58
CA LEU B 117 -8.53 -4.59 -51.50
C LEU B 117 -8.37 -3.11 -51.18
N ALA B 118 -8.57 -2.22 -52.16
CA ALA B 118 -8.53 -0.79 -51.87
C ALA B 118 -9.64 -0.40 -50.91
N LEU B 119 -10.86 -0.89 -51.15
CA LEU B 119 -11.96 -0.62 -50.24
C LEU B 119 -11.69 -1.22 -48.86
N ALA B 120 -11.14 -2.44 -48.82
CA ALA B 120 -10.80 -3.04 -47.54
C ALA B 120 -9.78 -2.21 -46.79
N LEU B 121 -8.75 -1.71 -47.50
CA LEU B 121 -7.73 -0.90 -46.86
C LEU B 121 -8.30 0.42 -46.34
N GLY B 122 -9.18 1.05 -47.12
CA GLY B 122 -9.81 2.27 -46.66
C GLY B 122 -10.66 2.06 -45.41
N LEU B 123 -11.45 0.98 -45.41
CA LEU B 123 -12.25 0.65 -44.24
C LEU B 123 -11.37 0.38 -43.04
N TYR B 124 -10.25 -0.34 -43.22
CA TYR B 124 -9.35 -0.61 -42.11
C TYR B 124 -8.72 0.67 -41.59
N LEU B 125 -8.38 1.60 -42.49
CA LEU B 125 -7.84 2.88 -42.05
C LEU B 125 -8.86 3.63 -41.19
N VAL B 126 -10.11 3.69 -41.64
CA VAL B 126 -11.14 4.35 -40.84
C VAL B 126 -11.35 3.66 -39.50
N ALA B 127 -11.34 2.32 -39.47
CA ALA B 127 -11.53 1.60 -38.23
C ALA B 127 -10.39 1.85 -37.25
N ALA B 128 -9.16 1.92 -37.77
CA ALA B 128 -7.99 2.09 -36.92
C ALA B 128 -7.81 3.55 -36.52
N LEU B 129 -8.55 4.42 -37.22
CA LEU B 129 -8.56 5.83 -36.83
C LEU B 129 -9.67 6.17 -35.86
N LEU B 130 -10.80 5.46 -35.87
CA LEU B 130 -11.88 5.72 -34.92
C LEU B 130 -11.58 5.20 -33.52
N VAL B 131 -10.90 4.06 -33.41
CA VAL B 131 -10.64 3.46 -32.10
C VAL B 131 -9.72 4.35 -31.27
N TRP B 132 -8.72 4.95 -31.90
CA TRP B 132 -7.81 5.85 -31.19
C TRP B 132 -8.55 7.05 -30.62
N VAL B 133 -9.45 7.64 -31.42
CA VAL B 133 -10.24 8.77 -30.95
C VAL B 133 -11.15 8.34 -29.80
N GLN B 134 -11.76 7.16 -29.93
CA GLN B 134 -12.62 6.67 -28.87
C GLN B 134 -11.85 6.51 -27.56
N ALA B 135 -10.65 5.93 -27.62
CA ALA B 135 -9.85 5.74 -26.42
C ALA B 135 -9.43 7.08 -25.82
N ARG B 136 -9.05 8.03 -26.68
CA ARG B 136 -8.64 9.34 -26.19
C ARG B 136 -9.80 10.05 -25.49
N LEU B 137 -11.00 9.95 -26.04
CA LEU B 137 -12.16 10.56 -25.39
C LEU B 137 -12.50 9.84 -24.08
N LEU B 138 -12.38 8.51 -24.07
CA LEU B 138 -12.68 7.74 -22.87
C LEU B 138 -11.74 8.12 -21.73
N ASN B 139 -10.45 8.34 -22.04
CA ASN B 139 -9.52 8.75 -21.01
C ASN B 139 -9.93 10.08 -20.38
N VAL B 140 -10.33 11.04 -21.22
CA VAL B 140 -10.75 12.34 -20.70
C VAL B 140 -11.98 12.21 -19.82
N THR B 141 -12.96 11.41 -20.27
CA THR B 141 -14.17 11.22 -19.49
C THR B 141 -13.85 10.60 -18.13
N VAL B 142 -13.03 9.55 -18.12
CA VAL B 142 -12.68 8.87 -16.87
C VAL B 142 -11.97 9.82 -15.93
N GLN B 143 -11.00 10.59 -16.46
CA GLN B 143 -10.26 11.50 -15.60
C GLN B 143 -11.15 12.60 -15.02
N ARG B 144 -12.06 13.14 -15.83
CA ARG B 144 -12.96 14.17 -15.31
C ARG B 144 -13.84 13.63 -14.19
N THR B 145 -14.43 12.45 -14.40
CA THR B 145 -15.28 11.87 -13.36
C THR B 145 -14.48 11.56 -12.10
N MET B 146 -13.26 11.05 -12.25
CA MET B 146 -12.45 10.73 -11.09
C MET B 146 -12.07 12.00 -10.33
N VAL B 147 -11.74 13.07 -11.05
CA VAL B 147 -11.42 14.33 -10.38
C VAL B 147 -12.60 14.82 -9.57
N ALA B 148 -13.80 14.78 -10.16
CA ALA B 148 -14.99 15.22 -9.43
C ALA B 148 -15.22 14.37 -8.19
N LEU B 149 -15.09 13.04 -8.32
CA LEU B 149 -15.33 12.16 -7.19
C LEU B 149 -14.32 12.40 -6.07
N ARG B 150 -13.04 12.53 -6.42
CA ARG B 150 -12.02 12.76 -5.40
C ARG B 150 -12.23 14.10 -4.70
N ALA B 151 -12.61 15.14 -5.47
CA ALA B 151 -12.86 16.44 -4.86
C ALA B 151 -14.01 16.37 -3.85
N GLU B 152 -15.11 15.72 -4.24
CA GLU B 152 -16.23 15.63 -3.31
C GLU B 152 -15.92 14.72 -2.13
N VAL B 153 -15.08 13.70 -2.33
CA VAL B 153 -14.65 12.86 -1.21
C VAL B 153 -13.83 13.68 -0.22
N GLN B 154 -13.04 14.57 -0.77
CA GLN B 154 -12.24 15.43 0.04
C GLN B 154 -13.16 16.26 0.89
N GLU B 155 -14.07 16.93 0.24
CA GLU B 155 -15.02 17.81 0.93
C GLU B 155 -15.76 17.07 2.03
N LYS B 156 -16.23 15.85 1.74
CA LYS B 156 -16.93 15.07 2.75
C LYS B 156 -16.01 14.74 3.92
N ILE B 157 -14.74 14.42 3.63
CA ILE B 157 -13.79 14.15 4.70
C ILE B 157 -13.63 15.36 5.60
N HIS B 158 -13.50 16.55 5.00
CA HIS B 158 -13.38 17.76 5.80
C HIS B 158 -14.68 18.17 6.47
N ARG B 159 -15.82 17.60 6.07
CA ARG B 159 -17.10 17.93 6.69
C ARG B 159 -17.56 16.89 7.71
N LEU B 160 -16.89 15.76 7.83
CA LEU B 160 -17.36 14.69 8.71
C LEU B 160 -17.20 15.07 10.18
N PRO B 161 -18.04 14.53 11.05
CA PRO B 161 -17.86 14.76 12.49
C PRO B 161 -16.61 14.07 13.01
N LEU B 162 -16.09 14.62 14.11
CA LEU B 162 -14.87 14.10 14.72
C LEU B 162 -15.10 12.79 15.46
N SER B 163 -16.35 12.32 15.57
CA SER B 163 -16.63 11.03 16.18
C SER B 163 -16.68 9.88 15.18
N TYR B 164 -16.83 10.17 13.89
CA TYR B 164 -16.86 9.10 12.89
C TYR B 164 -15.50 8.43 12.75
N PHE B 165 -14.42 9.20 12.84
CA PHE B 165 -13.07 8.65 12.67
C PHE B 165 -12.65 7.77 13.83
N ASP B 166 -13.31 7.85 14.98
CA ASP B 166 -12.99 6.99 16.11
C ASP B 166 -13.73 5.65 16.04
N SER B 167 -14.99 5.66 15.60
CA SER B 167 -15.73 4.41 15.46
C SER B 167 -15.12 3.52 14.40
N ARG B 168 -14.66 4.10 13.30
CA ARG B 168 -14.06 3.32 12.22
C ARG B 168 -12.78 2.65 12.69
N GLN B 169 -12.52 1.45 12.18
CA GLN B 169 -11.56 0.52 12.78
C GLN B 169 -10.19 0.61 12.10
N ARG B 170 -9.28 1.40 12.70
CA ARG B 170 -7.86 1.34 12.39
C ARG B 170 -7.53 1.27 10.90
N GLY B 171 -7.84 2.34 10.16
CA GLY B 171 -7.49 2.41 8.76
C GLY B 171 -8.60 2.12 7.79
N GLU B 172 -9.82 1.88 8.28
CA GLU B 172 -10.94 1.71 7.37
C GLU B 172 -11.14 2.95 6.50
N VAL B 173 -11.10 4.13 7.12
CA VAL B 173 -11.24 5.36 6.35
C VAL B 173 -10.06 5.53 5.40
N LEU B 174 -8.87 5.13 5.84
CA LEU B 174 -7.69 5.24 5.00
C LEU B 174 -7.82 4.39 3.74
N SER B 175 -8.36 3.18 3.89
CA SER B 175 -8.46 2.25 2.77
C SER B 175 -9.75 2.48 1.99
N ARG B 176 -10.57 3.39 2.51
CA ARG B 176 -11.79 3.79 1.81
C ARG B 176 -11.61 4.90 0.80
N VAL B 177 -10.52 5.65 0.81
CA VAL B 177 -10.37 6.78 -0.10
C VAL B 177 -9.10 6.65 -0.93
N THR B 178 -8.09 5.95 -0.41
CA THR B 178 -6.83 5.83 -1.13
C THR B 178 -6.87 4.70 -2.15
N ASN B 179 -7.05 3.47 -1.68
CA ASN B 179 -7.03 2.30 -2.55
C ASN B 179 -8.44 1.80 -2.88
N ASP B 180 -9.47 2.51 -2.44
CA ASP B 180 -10.84 2.16 -2.78
C ASP B 180 -11.40 2.97 -3.94
N VAL B 181 -10.81 4.13 -4.23
CA VAL B 181 -11.20 4.88 -5.42
C VAL B 181 -10.50 4.33 -6.65
N ASP B 182 -9.35 3.68 -6.48
CA ASP B 182 -8.67 3.07 -7.61
C ASP B 182 -9.49 1.92 -8.19
N ASN B 183 -10.17 1.16 -7.32
CA ASN B 183 -11.05 0.10 -7.81
C ASN B 183 -12.19 0.67 -8.63
N ILE B 184 -12.78 1.78 -8.17
CA ILE B 184 -13.84 2.44 -8.92
C ILE B 184 -13.30 2.92 -10.27
N GLN B 185 -12.10 3.49 -10.27
CA GLN B 185 -11.50 3.96 -11.52
C GLN B 185 -11.31 2.81 -12.49
N ASN B 186 -10.77 1.68 -12.02
CA ASN B 186 -10.55 0.53 -12.89
C ASN B 186 -11.87 0.02 -13.44
N SER B 187 -12.89 -0.13 -12.57
CA SER B 187 -14.18 -0.63 -13.03
C SER B 187 -14.83 0.30 -14.03
N VAL B 188 -14.82 1.61 -13.78
CA VAL B 188 -15.43 2.57 -14.70
C VAL B 188 -14.68 2.62 -16.02
N SER B 189 -13.35 2.67 -15.99
CA SER B 189 -12.58 2.70 -17.22
C SER B 189 -12.66 1.39 -17.99
N MET B 190 -13.03 0.29 -17.33
CA MET B 190 -13.14 -0.98 -18.03
C MET B 190 -14.53 -1.17 -18.62
N THR B 191 -15.59 -0.82 -17.87
CA THR B 191 -16.95 -1.14 -18.28
C THR B 191 -17.41 -0.37 -19.51
N ILE B 192 -16.59 0.48 -20.10
CA ILE B 192 -16.98 1.21 -21.30
C ILE B 192 -15.91 1.05 -22.38
N SER B 193 -14.74 0.57 -21.98
CA SER B 193 -13.61 0.40 -22.90
C SER B 193 -13.38 -1.03 -23.32
N GLN B 194 -13.64 -2.00 -22.44
CA GLN B 194 -13.38 -3.40 -22.74
C GLN B 194 -14.62 -4.27 -22.67
N LEU B 195 -15.43 -4.16 -21.63
CA LEU B 195 -16.65 -4.95 -21.54
C LEU B 195 -17.63 -4.60 -22.66
N LEU B 196 -17.80 -3.31 -22.94
CA LEU B 196 -18.72 -2.90 -24.00
C LEU B 196 -18.25 -3.39 -25.36
N THR B 197 -16.96 -3.23 -25.63
CA THR B 197 -16.43 -3.69 -26.89
C THR B 197 -16.63 -5.20 -26.98
N SER B 198 -16.40 -5.90 -25.86
CA SER B 198 -16.47 -7.35 -25.87
C SER B 198 -17.87 -7.88 -26.12
N VAL B 199 -18.89 -7.27 -25.52
CA VAL B 199 -20.25 -7.70 -25.82
C VAL B 199 -20.66 -7.29 -27.23
N LEU B 200 -20.26 -6.09 -27.67
CA LEU B 200 -20.54 -5.69 -29.05
C LEU B 200 -19.81 -6.59 -30.05
N THR B 201 -18.58 -6.99 -29.73
CA THR B 201 -17.88 -7.94 -30.58
C THR B 201 -18.67 -9.23 -30.72
N VAL B 202 -19.16 -9.76 -29.60
CA VAL B 202 -19.90 -11.01 -29.64
C VAL B 202 -21.15 -10.85 -30.49
N PHE B 203 -21.88 -9.76 -30.29
CA PHE B 203 -23.13 -9.56 -31.02
C PHE B 203 -22.88 -9.41 -32.52
N ALA B 204 -21.94 -8.54 -32.89
CA ALA B 204 -21.68 -8.30 -34.32
C ALA B 204 -21.14 -9.54 -35.00
N VAL B 205 -20.25 -10.26 -34.32
CA VAL B 205 -19.69 -11.49 -34.90
C VAL B 205 -20.79 -12.52 -35.09
N LEU B 206 -21.66 -12.70 -34.09
CA LEU B 206 -22.76 -13.65 -34.24
C LEU B 206 -23.66 -13.26 -35.40
N VAL B 207 -23.94 -11.97 -35.56
CA VAL B 207 -24.76 -11.51 -36.68
C VAL B 207 -24.10 -11.90 -38.00
N MET B 208 -22.82 -11.58 -38.16
CA MET B 208 -22.16 -11.80 -39.44
C MET B 208 -22.04 -13.28 -39.77
N MET B 209 -21.66 -14.10 -38.78
CA MET B 209 -21.60 -15.54 -39.02
C MET B 209 -22.97 -16.14 -39.27
N LEU B 210 -24.02 -15.56 -38.70
CA LEU B 210 -25.37 -15.97 -39.10
C LEU B 210 -25.64 -15.65 -40.56
N THR B 211 -25.17 -14.49 -41.03
CA THR B 211 -25.25 -14.21 -42.46
C THR B 211 -24.38 -15.14 -43.29
N ILE B 212 -23.35 -15.75 -42.71
CA ILE B 212 -22.48 -16.63 -43.47
C ILE B 212 -23.04 -18.05 -43.46
N SER B 213 -23.12 -18.67 -42.28
CA SER B 213 -23.62 -20.03 -42.17
C SER B 213 -24.14 -20.31 -40.77
N PRO B 214 -25.44 -20.55 -40.61
CA PRO B 214 -25.96 -20.82 -39.26
C PRO B 214 -25.46 -22.12 -38.65
N LEU B 215 -25.28 -23.17 -39.46
CA LEU B 215 -24.83 -24.44 -38.93
C LEU B 215 -23.44 -24.33 -38.32
N LEU B 216 -22.54 -23.61 -38.99
CA LEU B 216 -21.22 -23.35 -38.42
C LEU B 216 -21.31 -22.43 -37.21
N THR B 217 -22.27 -21.50 -37.21
CA THR B 217 -22.47 -20.64 -36.06
C THR B 217 -22.88 -21.44 -34.83
N LEU B 218 -23.62 -22.53 -35.03
CA LEU B 218 -24.03 -23.36 -33.90
C LEU B 218 -22.84 -23.96 -33.18
N PHE B 219 -21.87 -24.48 -33.94
CA PHE B 219 -20.72 -25.16 -33.33
C PHE B 219 -19.85 -24.20 -32.52
N THR B 220 -19.79 -22.93 -32.89
CA THR B 220 -19.00 -21.96 -32.17
C THR B 220 -19.78 -21.20 -31.12
N VAL B 221 -21.11 -21.22 -31.17
CA VAL B 221 -21.91 -20.64 -30.10
C VAL B 221 -22.23 -21.65 -29.01
N VAL B 222 -22.11 -22.95 -29.29
CA VAL B 222 -22.29 -23.96 -28.25
C VAL B 222 -21.22 -23.82 -27.18
N THR B 223 -20.04 -23.31 -27.54
CA THR B 223 -18.93 -23.23 -26.61
C THR B 223 -19.08 -22.13 -25.56
N VAL B 224 -19.92 -21.13 -25.80
CA VAL B 224 -20.10 -20.05 -24.83
C VAL B 224 -20.64 -20.60 -23.53
N PRO B 225 -21.71 -21.42 -23.52
CA PRO B 225 -22.11 -22.05 -22.25
C PRO B 225 -21.01 -22.90 -21.64
N ALA B 226 -20.27 -23.66 -22.46
CA ALA B 226 -19.22 -24.52 -21.93
C ALA B 226 -18.09 -23.70 -21.32
N SER B 227 -17.63 -22.68 -22.05
CA SER B 227 -16.59 -21.81 -21.54
C SER B 227 -17.02 -21.06 -20.29
N LEU B 228 -18.24 -20.55 -20.24
CA LEU B 228 -18.75 -19.89 -19.04
C LEU B 228 -18.84 -20.85 -17.85
N TRP B 229 -19.30 -22.08 -18.08
CA TRP B 229 -19.36 -23.06 -17.01
C TRP B 229 -17.98 -23.38 -16.48
N VAL B 230 -17.01 -23.57 -17.38
CA VAL B 230 -15.65 -23.87 -16.94
C VAL B 230 -15.07 -22.69 -16.17
N THR B 231 -15.29 -21.47 -16.68
CA THR B 231 -14.77 -20.28 -16.02
C THR B 231 -15.34 -20.12 -14.61
N ARG B 232 -16.67 -20.27 -14.48
CA ARG B 232 -17.27 -20.10 -13.17
C ARG B 232 -16.94 -21.25 -12.23
N TRP B 233 -16.73 -22.46 -12.74
CA TRP B 233 -16.24 -23.54 -11.90
C TRP B 233 -14.83 -23.24 -11.37
N ILE B 234 -13.96 -22.72 -12.25
CA ILE B 234 -12.61 -22.38 -11.82
C ILE B 234 -12.65 -21.29 -10.75
N THR B 235 -13.44 -20.24 -10.98
CA THR B 235 -13.56 -19.18 -9.99
C THR B 235 -14.15 -19.68 -8.68
N ARG B 236 -15.18 -20.52 -8.73
CA ARG B 236 -15.77 -21.06 -7.50
C ARG B 236 -14.77 -21.91 -6.73
N ARG B 237 -13.97 -22.71 -7.43
CA ARG B 237 -12.99 -23.55 -6.75
C ARG B 237 -11.79 -22.74 -6.25
N SER B 238 -11.48 -21.62 -6.88
CA SER B 238 -10.37 -20.78 -6.45
C SER B 238 -10.78 -19.73 -5.43
N GLN B 239 -12.08 -19.53 -5.21
CA GLN B 239 -12.52 -18.57 -4.20
C GLN B 239 -11.97 -18.87 -2.81
N PRO B 240 -11.97 -20.10 -2.30
CA PRO B 240 -11.33 -20.35 -1.00
C PRO B 240 -9.84 -20.10 -0.99
N LEU B 241 -9.19 -20.04 -2.14
CA LEU B 241 -7.74 -19.82 -2.20
C LEU B 241 -7.38 -18.33 -2.10
N PHE B 242 -8.16 -17.46 -2.73
CA PHE B 242 -7.85 -16.03 -2.69
C PHE B 242 -7.99 -15.48 -1.28
N VAL B 243 -9.03 -15.88 -0.56
CA VAL B 243 -9.20 -15.42 0.82
C VAL B 243 -8.04 -15.90 1.69
N ALA B 244 -7.62 -17.15 1.52
CA ALA B 244 -6.49 -17.67 2.28
C ALA B 244 -5.22 -16.90 1.96
N GLN B 245 -4.97 -16.62 0.68
CA GLN B 245 -3.78 -15.87 0.31
C GLN B 245 -3.79 -14.48 0.91
N TRP B 246 -4.92 -13.78 0.82
CA TRP B 246 -4.99 -12.43 1.36
C TRP B 246 -4.84 -12.42 2.87
N ARG B 247 -5.48 -13.37 3.55
CA ARG B 247 -5.38 -13.44 5.01
C ARG B 247 -3.95 -13.75 5.44
N ASN B 248 -3.29 -14.68 4.76
CA ASN B 248 -1.91 -15.00 5.12
C ASN B 248 -0.98 -13.83 4.83
N THR B 249 -1.21 -13.11 3.74
CA THR B 249 -0.39 -11.94 3.44
C THR B 249 -0.56 -10.88 4.53
N GLY B 250 -1.81 -10.62 4.94
CA GLY B 250 -2.03 -9.66 6.01
C GLY B 250 -1.41 -10.09 7.32
N ARG B 251 -1.52 -11.38 7.64
CA ARG B 251 -0.92 -11.90 8.86
C ARG B 251 0.60 -11.75 8.86
N LEU B 252 1.24 -12.08 7.74
CA LEU B 252 2.68 -11.93 7.63
C LEU B 252 3.09 -10.47 7.71
N ALA B 253 2.33 -9.57 7.07
CA ALA B 253 2.63 -8.15 7.16
C ALA B 253 2.50 -7.65 8.59
N ALA B 254 1.48 -8.09 9.31
CA ALA B 254 1.32 -7.68 10.70
C ALA B 254 2.48 -8.18 11.55
N HIS B 255 2.90 -9.44 11.36
CA HIS B 255 4.03 -9.95 12.12
C HIS B 255 5.30 -9.17 11.81
N LEU B 256 5.54 -8.87 10.53
CA LEU B 256 6.73 -8.12 10.15
C LEU B 256 6.71 -6.72 10.74
N GLU B 257 5.55 -6.06 10.73
CA GLU B 257 5.45 -4.73 11.31
C GLU B 257 5.71 -4.75 12.81
N GLU B 258 5.15 -5.75 13.51
CA GLU B 258 5.40 -5.86 14.94
C GLU B 258 6.87 -6.13 15.23
N THR B 259 7.50 -7.00 14.44
CA THR B 259 8.90 -7.31 14.65
C THR B 259 9.79 -6.09 14.41
N TYR B 260 9.48 -5.32 13.36
CA TYR B 260 10.33 -4.17 13.04
C TYR B 260 10.12 -3.03 14.04
N SER B 261 8.87 -2.73 14.38
CA SER B 261 8.60 -1.64 15.30
C SER B 261 9.10 -1.94 16.70
N GLY B 262 8.83 -3.15 17.19
CA GLY B 262 9.29 -3.55 18.50
C GLY B 262 10.58 -4.34 18.45
N PHE B 263 11.49 -3.92 17.56
CA PHE B 263 12.74 -4.66 17.38
C PHE B 263 13.61 -4.63 18.62
N THR B 264 13.63 -3.49 19.32
CA THR B 264 14.43 -3.39 20.53
C THR B 264 13.97 -4.37 21.59
N ILE B 265 12.66 -4.50 21.77
CA ILE B 265 12.12 -5.44 22.75
C ILE B 265 12.45 -6.88 22.33
N VAL B 266 12.29 -7.18 21.04
CA VAL B 266 12.57 -8.54 20.56
C VAL B 266 14.03 -8.90 20.80
N LYS B 267 14.93 -7.98 20.45
CA LYS B 267 16.36 -8.25 20.65
C LYS B 267 16.70 -8.37 22.14
N THR B 268 16.15 -7.48 22.96
CA THR B 268 16.53 -7.44 24.37
C THR B 268 16.02 -8.65 25.14
N PHE B 269 14.79 -9.08 24.87
CA PHE B 269 14.17 -10.16 25.62
C PHE B 269 14.44 -11.53 25.02
N GLY B 270 15.39 -11.63 24.09
CA GLY B 270 15.79 -12.92 23.57
C GLY B 270 14.76 -13.63 22.72
N HIS B 271 13.84 -12.89 22.10
CA HIS B 271 12.82 -13.46 21.25
C HIS B 271 13.17 -13.36 19.77
N ARG B 272 14.41 -13.01 19.45
CA ARG B 272 14.82 -12.89 18.05
C ARG B 272 14.73 -14.24 17.33
N GLU B 273 15.23 -15.29 17.97
CA GLU B 273 15.20 -16.63 17.38
C GLU B 273 13.82 -17.25 17.35
N ALA B 274 12.89 -16.75 18.17
CA ALA B 274 11.50 -17.17 18.11
C ALA B 274 10.72 -16.39 17.05
N ALA B 275 10.97 -15.09 16.93
CA ALA B 275 10.38 -14.32 15.85
C ALA B 275 10.84 -14.82 14.49
N ALA B 276 12.12 -15.17 14.37
CA ALA B 276 12.61 -15.77 13.13
C ALA B 276 11.92 -17.08 12.83
N GLY B 277 11.71 -17.92 13.84
CA GLY B 277 10.99 -19.17 13.61
C GLY B 277 9.56 -18.96 13.18
N LYS B 278 8.87 -18.01 13.82
CA LYS B 278 7.49 -17.73 13.43
C LYS B 278 7.42 -17.17 12.02
N PHE B 279 8.39 -16.33 11.64
CA PHE B 279 8.45 -15.86 10.26
C PHE B 279 8.70 -17.01 9.30
N ALA B 280 9.59 -17.93 9.66
CA ALA B 280 9.90 -19.07 8.79
C ALA B 280 8.74 -20.03 8.68
N GLU B 281 7.83 -20.01 9.65
CA GLU B 281 6.63 -20.83 9.58
C GLU B 281 5.43 -20.11 8.97
N LEU B 282 5.43 -18.78 8.91
CA LEU B 282 4.35 -18.02 8.29
C LEU B 282 4.61 -17.73 6.82
N ASN B 283 5.85 -17.42 6.45
CA ASN B 283 6.20 -17.20 5.06
C ASN B 283 6.03 -18.47 4.24
N SER B 284 6.37 -19.62 4.82
CA SER B 284 6.13 -20.89 4.13
C SER B 284 4.65 -21.12 3.86
N GLU B 285 3.78 -20.79 4.82
CA GLU B 285 2.35 -20.92 4.60
C GLU B 285 1.81 -19.93 3.56
N THR B 286 2.26 -18.67 3.61
CA THR B 286 1.78 -17.72 2.63
C THR B 286 2.29 -18.05 1.22
N GLN B 287 3.47 -18.66 1.10
CA GLN B 287 3.93 -19.11 -0.20
C GLN B 287 3.00 -20.18 -0.79
N GLN B 288 2.61 -21.17 0.01
CA GLN B 288 1.68 -22.18 -0.46
C GLN B 288 0.33 -21.57 -0.83
N SER B 289 -0.19 -20.69 0.04
CA SER B 289 -1.50 -20.11 -0.22
C SER B 289 -1.48 -19.13 -1.38
N SER B 290 -0.32 -18.60 -1.75
CA SER B 290 -0.21 -17.78 -2.95
C SER B 290 -0.06 -18.61 -4.21
N PHE B 291 0.79 -19.65 -4.16
CA PHE B 291 0.96 -20.52 -5.32
C PHE B 291 -0.35 -21.21 -5.69
N GLY B 292 -1.04 -21.77 -4.70
CA GLY B 292 -2.31 -22.41 -4.97
C GLY B 292 -3.38 -21.45 -5.47
N ALA B 293 -3.38 -20.23 -4.94
CA ALA B 293 -4.37 -19.26 -5.37
C ALA B 293 -4.11 -18.74 -6.77
N GLN B 294 -2.83 -18.65 -7.16
CA GLN B 294 -2.50 -18.08 -8.46
C GLN B 294 -2.45 -19.12 -9.58
N PHE B 295 -2.19 -20.39 -9.25
CA PHE B 295 -2.30 -21.43 -10.27
C PHE B 295 -3.70 -21.49 -10.86
N PHE B 296 -4.71 -21.52 -9.99
CA PHE B 296 -6.09 -21.53 -10.48
C PHE B 296 -6.44 -20.23 -11.18
N SER B 297 -5.92 -19.10 -10.69
CA SER B 297 -6.19 -17.82 -11.34
C SER B 297 -5.65 -17.79 -12.76
N GLY B 298 -4.44 -18.31 -12.98
CA GLY B 298 -3.88 -18.39 -14.30
C GLY B 298 -4.40 -19.51 -15.16
N LEU B 299 -5.06 -20.50 -14.56
CA LEU B 299 -5.65 -21.61 -15.31
C LEU B 299 -6.84 -21.18 -16.16
N VAL B 300 -7.37 -19.98 -15.96
CA VAL B 300 -8.58 -19.57 -16.67
C VAL B 300 -8.32 -19.45 -18.17
N SER B 301 -7.24 -18.74 -18.53
CA SER B 301 -6.98 -18.49 -19.95
C SER B 301 -6.77 -19.77 -20.77
N PRO B 302 -5.91 -20.71 -20.38
CA PRO B 302 -5.80 -21.95 -21.17
C PRO B 302 -7.09 -22.76 -21.19
N ALA B 303 -7.88 -22.72 -20.11
CA ALA B 303 -9.11 -23.50 -20.08
C ALA B 303 -10.08 -23.04 -21.14
N THR B 304 -10.33 -21.72 -21.24
CA THR B 304 -11.21 -21.21 -22.28
C THR B 304 -10.58 -21.26 -23.66
N MET B 305 -9.25 -21.11 -23.75
CA MET B 305 -8.60 -21.25 -25.04
C MET B 305 -8.71 -22.65 -25.60
N PHE B 306 -8.76 -23.66 -24.73
CA PHE B 306 -8.96 -25.03 -25.19
C PHE B 306 -10.35 -25.19 -25.82
N ILE B 307 -11.38 -24.62 -25.19
CA ILE B 307 -12.72 -24.68 -25.76
C ILE B 307 -12.77 -23.91 -27.07
N GLY B 308 -12.11 -22.75 -27.13
CA GLY B 308 -12.05 -22.00 -28.37
C GLY B 308 -11.37 -22.78 -29.48
N ASN B 309 -10.30 -23.49 -29.16
CA ASN B 309 -9.60 -24.28 -30.16
C ASN B 309 -10.43 -25.49 -30.59
N LEU B 310 -11.20 -26.07 -29.66
CA LEU B 310 -12.12 -27.14 -30.05
C LEU B 310 -13.16 -26.63 -31.03
N SER B 311 -13.71 -25.44 -30.75
CA SER B 311 -14.64 -24.82 -31.70
C SER B 311 -13.96 -24.56 -33.03
N TYR B 312 -12.71 -24.12 -33.00
CA TYR B 312 -11.97 -23.88 -34.23
C TYR B 312 -11.81 -25.16 -35.04
N VAL B 313 -11.49 -26.26 -34.38
CA VAL B 313 -11.33 -27.54 -35.08
C VAL B 313 -12.65 -27.96 -35.71
N ALA B 314 -13.74 -27.90 -34.94
CA ALA B 314 -15.04 -28.28 -35.48
C ALA B 314 -15.43 -27.41 -36.64
N VAL B 315 -15.25 -26.10 -36.51
CA VAL B 315 -15.61 -25.16 -37.57
C VAL B 315 -14.78 -25.44 -38.82
N ALA B 316 -13.48 -25.65 -38.65
CA ALA B 316 -12.63 -25.92 -39.80
C ALA B 316 -13.04 -27.19 -40.53
N VAL B 317 -13.29 -28.27 -39.79
CA VAL B 317 -13.65 -29.53 -40.43
C VAL B 317 -14.99 -29.41 -41.16
N VAL B 318 -16.00 -28.86 -40.47
CA VAL B 318 -17.34 -28.81 -41.06
C VAL B 318 -17.37 -27.84 -42.24
N GLY B 319 -16.66 -26.71 -42.11
CA GLY B 319 -16.60 -25.76 -43.20
C GLY B 319 -15.87 -26.31 -44.40
N GLY B 320 -14.79 -27.06 -44.17
CA GLY B 320 -14.12 -27.72 -45.28
C GLY B 320 -15.04 -28.70 -45.98
N LEU B 321 -15.81 -29.48 -45.20
CA LEU B 321 -16.76 -30.40 -45.81
C LEU B 321 -17.81 -29.66 -46.63
N GLN B 322 -18.32 -28.54 -46.10
CA GLN B 322 -19.34 -27.79 -46.81
C GLN B 322 -18.80 -27.17 -48.10
N VAL B 323 -17.63 -26.55 -48.03
CA VAL B 323 -17.05 -25.91 -49.21
C VAL B 323 -16.70 -26.96 -50.26
N ALA B 324 -16.17 -28.11 -49.82
CA ALA B 324 -15.93 -29.21 -50.75
C ALA B 324 -17.23 -29.73 -51.37
N THR B 325 -18.36 -29.53 -50.70
CA THR B 325 -19.66 -29.89 -51.25
C THR B 325 -20.30 -28.78 -52.07
N GLY B 326 -19.92 -27.53 -51.83
CA GLY B 326 -20.48 -26.41 -52.55
C GLY B 326 -21.49 -25.58 -51.79
N GLN B 327 -21.68 -25.85 -50.49
CA GLN B 327 -22.64 -25.08 -49.71
C GLN B 327 -22.23 -23.62 -49.60
N ILE B 328 -20.94 -23.37 -49.32
CA ILE B 328 -20.42 -22.02 -49.15
C ILE B 328 -19.09 -21.90 -49.88
N THR B 329 -18.67 -20.66 -50.09
CA THR B 329 -17.44 -20.37 -50.82
C THR B 329 -16.24 -20.37 -49.88
N LEU B 330 -15.05 -20.51 -50.49
CA LEU B 330 -13.82 -20.57 -49.71
C LEU B 330 -13.56 -19.26 -48.96
N GLY B 331 -13.82 -18.13 -49.61
CA GLY B 331 -13.68 -16.85 -48.92
C GLY B 331 -14.62 -16.73 -47.74
N SER B 332 -15.82 -17.28 -47.87
CA SER B 332 -16.78 -17.28 -46.77
C SER B 332 -16.32 -18.13 -45.59
N ILE B 333 -15.39 -19.06 -45.81
CA ILE B 333 -14.90 -19.87 -44.70
C ILE B 333 -13.64 -19.23 -44.13
N GLN B 334 -12.89 -18.53 -44.97
CA GLN B 334 -11.78 -17.73 -44.45
C GLN B 334 -12.28 -16.63 -43.53
N ALA B 335 -13.33 -15.93 -43.97
CA ALA B 335 -13.95 -14.92 -43.11
C ALA B 335 -14.48 -15.55 -41.83
N PHE B 336 -15.07 -16.74 -41.93
CA PHE B 336 -15.59 -17.41 -40.74
C PHE B 336 -14.48 -17.79 -39.78
N ILE B 337 -13.33 -18.21 -40.31
CA ILE B 337 -12.19 -18.53 -39.46
C ILE B 337 -11.73 -17.28 -38.71
N GLN B 338 -11.60 -16.16 -39.42
CA GLN B 338 -11.24 -14.92 -38.76
C GLN B 338 -12.28 -14.54 -37.70
N TYR B 339 -13.56 -14.74 -38.03
CA TYR B 339 -14.63 -14.36 -37.12
C TYR B 339 -14.61 -15.20 -35.84
N VAL B 340 -14.40 -16.50 -35.97
CA VAL B 340 -14.36 -17.34 -34.77
C VAL B 340 -13.11 -17.03 -33.95
N ARG B 341 -11.99 -16.73 -34.62
CA ARG B 341 -10.81 -16.31 -33.87
C ARG B 341 -11.07 -15.04 -33.08
N GLN B 342 -11.75 -14.07 -33.68
CA GLN B 342 -12.09 -12.85 -32.94
C GLN B 342 -13.10 -13.13 -31.83
N PHE B 343 -14.07 -14.01 -32.08
CA PHE B 343 -15.11 -14.29 -31.09
C PHE B 343 -14.56 -15.02 -29.88
N ASN B 344 -13.53 -15.84 -30.06
CA ASN B 344 -12.95 -16.53 -28.92
C ASN B 344 -12.28 -15.58 -27.93
N GLN B 345 -11.89 -14.39 -28.38
CA GLN B 345 -11.08 -13.51 -27.52
C GLN B 345 -11.79 -13.09 -26.24
N PRO B 346 -12.96 -12.44 -26.27
CA PRO B 346 -13.52 -11.92 -25.01
C PRO B 346 -13.86 -13.00 -23.99
N LEU B 347 -14.12 -14.22 -24.45
CA LEU B 347 -14.45 -15.31 -23.52
C LEU B 347 -13.26 -15.64 -22.62
N THR B 348 -12.05 -15.28 -23.04
CA THR B 348 -10.87 -15.58 -22.24
C THR B 348 -10.85 -14.75 -20.95
N GLN B 349 -11.07 -13.44 -21.06
CA GLN B 349 -11.04 -12.55 -19.91
C GLN B 349 -12.42 -12.09 -19.46
N VAL B 350 -13.48 -12.79 -19.86
CA VAL B 350 -14.77 -12.56 -19.21
C VAL B 350 -14.66 -12.72 -17.70
N ALA B 351 -13.86 -13.67 -17.24
CA ALA B 351 -13.59 -13.80 -15.81
C ALA B 351 -12.90 -12.55 -15.28
N GLY B 352 -11.95 -12.02 -16.03
CA GLY B 352 -11.27 -10.81 -15.58
C GLY B 352 -12.22 -9.63 -15.44
N MET B 353 -13.08 -9.40 -16.43
CA MET B 353 -14.04 -8.31 -16.30
C MET B 353 -14.99 -8.54 -15.14
N TYR B 354 -15.49 -9.76 -14.98
CA TYR B 354 -16.41 -10.01 -13.87
C TYR B 354 -15.75 -9.75 -12.53
N ASN B 355 -14.51 -10.21 -12.36
CA ASN B 355 -13.80 -10.02 -11.10
C ASN B 355 -13.53 -8.54 -10.84
N THR B 356 -12.97 -7.83 -11.81
CA THR B 356 -12.65 -6.42 -11.63
C THR B 356 -13.87 -5.52 -11.63
N LEU B 357 -15.04 -6.04 -12.01
CA LEU B 357 -16.29 -5.30 -11.89
C LEU B 357 -16.91 -5.48 -10.52
N GLN B 358 -16.99 -6.72 -10.03
CA GLN B 358 -17.50 -6.95 -8.68
C GLN B 358 -16.61 -6.27 -7.65
N SER B 359 -15.29 -6.50 -7.74
CA SER B 359 -14.33 -5.76 -6.92
C SER B 359 -14.18 -4.38 -7.53
N GLY B 360 -14.94 -3.44 -7.02
CA GLY B 360 -15.01 -2.10 -7.58
C GLY B 360 -16.44 -1.59 -7.58
N ILE B 361 -17.42 -2.45 -7.86
CA ILE B 361 -18.79 -2.06 -7.53
C ILE B 361 -19.00 -2.18 -6.03
N ALA B 362 -18.41 -3.21 -5.40
CA ALA B 362 -18.42 -3.25 -3.95
C ALA B 362 -17.60 -2.13 -3.33
N SER B 363 -16.63 -1.57 -4.07
CA SER B 363 -15.88 -0.42 -3.60
C SER B 363 -16.70 0.87 -3.75
N ALA B 364 -17.40 1.02 -4.86
CA ALA B 364 -18.29 2.15 -5.03
C ALA B 364 -19.41 2.16 -3.99
N GLU B 365 -19.90 0.98 -3.60
CA GLU B 365 -20.88 0.93 -2.52
C GLU B 365 -20.31 1.50 -1.23
N ARG B 366 -19.09 1.11 -0.87
CA ARG B 366 -18.47 1.62 0.36
C ARG B 366 -18.24 3.13 0.27
N VAL B 367 -17.77 3.60 -0.89
CA VAL B 367 -17.49 5.03 -1.05
C VAL B 367 -18.79 5.83 -0.94
N PHE B 368 -19.86 5.35 -1.57
CA PHE B 368 -21.15 6.03 -1.46
C PHE B 368 -21.69 6.00 -0.05
N ASP B 369 -21.50 4.89 0.67
CA ASP B 369 -21.89 4.83 2.07
C ASP B 369 -21.14 5.86 2.90
N LEU B 370 -19.84 6.00 2.65
CA LEU B 370 -19.06 7.02 3.33
C LEU B 370 -19.58 8.42 3.01
N LEU B 371 -19.86 8.67 1.74
CA LEU B 371 -20.37 9.97 1.30
C LEU B 371 -21.79 10.25 1.78
N ASP B 372 -22.52 9.24 2.22
CA ASP B 372 -23.90 9.42 2.69
C ASP B 372 -24.02 9.53 4.19
N THR B 373 -22.91 9.50 4.93
CA THR B 373 -22.97 9.61 6.38
C THR B 373 -23.32 11.04 6.79
N GLU B 374 -24.03 11.17 7.90
CA GLU B 374 -24.41 12.49 8.41
C GLU B 374 -23.17 13.24 8.87
N GLU B 375 -23.03 14.47 8.42
CA GLU B 375 -21.86 15.29 8.70
C GLU B 375 -22.14 16.24 9.86
N GLU B 376 -21.20 17.14 10.13
CA GLU B 376 -21.36 18.13 11.18
C GLU B 376 -22.48 19.10 10.86
N SER B 377 -23.06 19.69 11.90
CA SER B 377 -24.06 20.73 11.70
C SER B 377 -23.42 21.96 11.06
N ALA B 378 -24.22 22.66 10.27
CA ALA B 378 -23.72 23.83 9.56
C ALA B 378 -23.38 24.95 10.54
N ASP B 379 -22.12 25.32 10.60
CA ASP B 379 -21.69 26.38 11.51
C ASP B 379 -22.23 27.73 11.04
N SER B 380 -22.72 28.52 11.99
CA SER B 380 -23.24 29.85 11.68
C SER B 380 -22.08 30.82 11.51
N PRO B 381 -21.96 31.49 10.37
CA PRO B 381 -20.85 32.44 10.19
C PRO B 381 -21.01 33.68 11.07
N ARG B 382 -20.14 33.84 12.06
CA ARG B 382 -20.20 34.98 12.96
C ARG B 382 -18.87 35.67 13.19
N ARG B 383 -17.75 35.06 12.81
CA ARG B 383 -16.42 35.69 12.90
C ARG B 383 -16.09 36.09 14.35
N ALA B 384 -15.91 35.04 15.16
CA ALA B 384 -15.56 35.19 16.58
C ALA B 384 -14.54 36.30 16.80
N ASP B 385 -14.77 37.09 17.83
CA ASP B 385 -14.02 38.31 18.11
C ASP B 385 -13.46 38.30 19.52
N VAL B 386 -12.81 37.20 19.92
CA VAL B 386 -12.25 37.11 21.26
C VAL B 386 -11.14 38.15 21.42
N ARG B 387 -11.39 39.14 22.29
CA ARG B 387 -10.42 40.18 22.58
C ARG B 387 -9.60 39.88 23.82
N THR B 388 -10.27 39.71 24.96
CA THR B 388 -9.56 39.47 26.22
C THR B 388 -9.29 37.98 26.42
N GLY B 389 -10.35 37.17 26.42
CA GLY B 389 -10.20 35.74 26.58
C GLY B 389 -10.93 35.18 27.78
N ARG B 390 -11.91 35.92 28.29
CA ARG B 390 -12.69 35.47 29.44
C ARG B 390 -13.55 34.28 29.01
N VAL B 391 -13.28 33.11 29.60
CA VAL B 391 -14.02 31.90 29.27
C VAL B 391 -14.97 31.59 30.41
N GLU B 392 -16.12 31.03 30.08
CA GLU B 392 -17.10 30.69 31.11
C GLU B 392 -17.84 29.43 30.69
N PHE B 393 -17.83 28.44 31.58
CA PHE B 393 -18.65 27.23 31.43
C PHE B 393 -19.87 27.37 32.30
N GLU B 394 -21.04 27.00 31.75
CA GLU B 394 -22.32 27.14 32.44
C GLU B 394 -23.02 25.79 32.37
N HIS B 395 -22.95 25.04 33.48
CA HIS B 395 -23.67 23.78 33.63
C HIS B 395 -23.39 22.82 32.47
N VAL B 396 -22.13 22.78 32.05
CA VAL B 396 -21.75 21.98 30.89
C VAL B 396 -21.81 20.50 31.23
N SER B 397 -22.53 19.75 30.41
CA SER B 397 -22.59 18.30 30.52
C SER B 397 -22.36 17.69 29.15
N PHE B 398 -21.60 16.60 29.11
CA PHE B 398 -21.27 15.98 27.83
C PHE B 398 -21.14 14.48 28.03
N SER B 399 -21.60 13.72 27.04
CA SER B 399 -21.46 12.28 27.02
C SER B 399 -21.00 11.84 25.65
N TYR B 400 -19.94 11.03 25.60
CA TYR B 400 -19.44 10.54 24.32
C TYR B 400 -20.48 9.68 23.61
N VAL B 401 -21.19 8.83 24.35
CA VAL B 401 -22.25 8.01 23.80
C VAL B 401 -23.51 8.24 24.63
N PRO B 402 -24.70 8.09 24.06
CA PRO B 402 -25.92 8.21 24.86
C PRO B 402 -25.95 7.16 25.95
N GLY B 403 -26.08 7.62 27.20
CA GLY B 403 -25.97 6.73 28.33
C GLY B 403 -24.93 7.20 29.33
N THR B 404 -23.82 6.46 29.44
CA THR B 404 -22.73 6.77 30.35
C THR B 404 -22.22 8.18 30.12
N PRO B 405 -22.37 9.08 31.10
CA PRO B 405 -21.88 10.45 30.95
C PRO B 405 -20.43 10.59 31.38
N VAL B 406 -19.79 11.63 30.84
CA VAL B 406 -18.38 11.92 31.12
C VAL B 406 -18.23 13.19 31.95
N ILE B 407 -18.83 14.28 31.52
CA ILE B 407 -18.76 15.57 32.21
C ILE B 407 -20.14 15.87 32.76
N GLU B 408 -20.20 16.27 34.04
CA GLU B 408 -21.46 16.40 34.77
C GLU B 408 -21.55 17.74 35.47
N ASP B 409 -22.12 18.74 34.78
CA ASP B 409 -22.61 19.98 35.39
C ASP B 409 -21.51 20.70 36.17
N LEU B 410 -20.49 21.15 35.43
CA LEU B 410 -19.43 21.96 36.00
C LEU B 410 -19.54 23.39 35.48
N SER B 411 -18.90 24.31 36.19
CA SER B 411 -18.94 25.73 35.82
C SER B 411 -17.64 26.37 36.29
N LEU B 412 -16.78 26.73 35.34
CA LEU B 412 -15.54 27.42 35.61
C LEU B 412 -15.53 28.78 34.94
N VAL B 413 -14.82 29.71 35.55
CA VAL B 413 -14.73 31.10 35.08
C VAL B 413 -13.25 31.43 34.93
N ALA B 414 -12.78 31.49 33.69
CA ALA B 414 -11.40 31.87 33.40
C ALA B 414 -11.37 33.37 33.11
N GLU B 415 -10.87 34.14 34.07
CA GLU B 415 -10.74 35.57 33.90
C GLU B 415 -9.66 35.89 32.86
N PRO B 416 -9.74 37.05 32.22
CA PRO B 416 -8.70 37.41 31.24
C PRO B 416 -7.33 37.47 31.89
N GLY B 417 -6.34 36.95 31.16
CA GLY B 417 -4.97 36.94 31.64
C GLY B 417 -4.64 35.78 32.57
N SER B 418 -5.63 35.31 33.33
CA SER B 418 -5.39 34.23 34.28
C SER B 418 -5.09 32.93 33.55
N THR B 419 -4.26 32.10 34.18
CA THR B 419 -3.81 30.84 33.61
C THR B 419 -4.41 29.70 34.44
N VAL B 420 -5.60 29.25 34.02
CA VAL B 420 -6.27 28.16 34.72
C VAL B 420 -5.50 26.86 34.51
N ALA B 421 -5.36 26.08 35.58
CA ALA B 421 -4.63 24.82 35.53
C ALA B 421 -5.53 23.70 36.02
N ILE B 422 -5.80 22.73 35.15
CA ILE B 422 -6.71 21.63 35.45
C ILE B 422 -5.88 20.40 35.80
N VAL B 423 -6.18 19.78 36.95
CA VAL B 423 -5.50 18.57 37.38
C VAL B 423 -6.54 17.57 37.85
N GLY B 424 -6.18 16.29 37.81
CA GLY B 424 -7.05 15.22 38.21
C GLY B 424 -6.50 13.87 37.82
N PRO B 425 -7.12 12.80 38.32
CA PRO B 425 -6.65 11.45 37.99
C PRO B 425 -6.95 11.10 36.54
N THR B 426 -6.33 10.00 36.09
CA THR B 426 -6.52 9.53 34.73
C THR B 426 -7.98 9.19 34.47
N GLY B 427 -8.48 9.60 33.31
CA GLY B 427 -9.86 9.34 32.95
C GLY B 427 -10.85 10.36 33.48
N ALA B 428 -10.38 11.46 34.09
CA ALA B 428 -11.30 12.48 34.57
C ALA B 428 -12.05 13.15 33.43
N GLY B 429 -11.34 13.44 32.33
CA GLY B 429 -11.98 14.06 31.19
C GLY B 429 -11.41 15.43 30.84
N LYS B 430 -10.18 15.68 31.30
CA LYS B 430 -9.51 16.94 31.06
C LYS B 430 -9.45 17.18 29.55
N THR B 431 -8.92 16.20 28.83
CA THR B 431 -8.82 16.32 27.38
C THR B 431 -10.21 16.54 26.77
N THR B 432 -11.22 15.84 27.28
CA THR B 432 -12.58 16.11 26.85
C THR B 432 -13.02 17.51 27.21
N LEU B 433 -12.61 17.99 28.39
CA LEU B 433 -13.00 19.34 28.82
C LEU B 433 -12.46 20.40 27.87
N VAL B 434 -11.19 20.26 27.45
CA VAL B 434 -10.65 21.23 26.50
C VAL B 434 -11.10 20.98 25.07
N ASN B 435 -11.48 19.75 24.72
CA ASN B 435 -12.04 19.48 23.40
C ASN B 435 -13.39 20.14 23.25
N LEU B 436 -14.19 20.16 24.32
CA LEU B 436 -15.45 20.87 24.29
C LEU B 436 -15.24 22.36 24.03
N LEU B 437 -14.14 22.91 24.55
CA LEU B 437 -13.84 24.32 24.33
C LEU B 437 -13.54 24.62 22.87
N MET B 438 -12.95 23.66 22.15
CA MET B 438 -12.63 23.84 20.74
C MET B 438 -13.76 23.41 19.82
N ARG B 439 -14.91 23.03 20.37
CA ARG B 439 -16.06 22.58 19.59
C ARG B 439 -15.72 21.35 18.74
N PHE B 440 -14.79 20.53 19.21
CA PHE B 440 -14.56 19.23 18.58
C PHE B 440 -15.82 18.38 18.66
N TYR B 441 -16.48 18.38 19.81
CA TYR B 441 -17.77 17.78 20.02
C TYR B 441 -18.75 18.87 20.45
N ASP B 442 -20.02 18.49 20.58
CA ASP B 442 -21.08 19.44 20.94
C ASP B 442 -21.52 19.20 22.37
N VAL B 443 -21.55 20.29 23.16
CA VAL B 443 -22.01 20.20 24.54
C VAL B 443 -23.47 19.81 24.56
N ASP B 444 -23.83 18.92 25.49
CA ASP B 444 -25.19 18.38 25.53
C ASP B 444 -26.16 19.37 26.16
N SER B 445 -25.93 19.73 27.43
CA SER B 445 -26.89 20.53 28.18
C SER B 445 -26.16 21.62 28.98
N GLY B 446 -25.21 22.31 28.33
CA GLY B 446 -24.51 23.40 28.98
C GLY B 446 -24.29 24.57 28.05
N ARG B 447 -23.38 25.47 28.40
CA ARG B 447 -23.07 26.60 27.53
C ARG B 447 -21.64 27.03 27.75
N ILE B 448 -20.90 27.24 26.66
CA ILE B 448 -19.53 27.74 26.71
C ILE B 448 -19.54 29.13 26.09
N THR B 449 -19.09 30.12 26.86
CA THR B 449 -19.07 31.51 26.39
C THR B 449 -17.64 32.03 26.44
N ILE B 450 -17.17 32.55 25.31
CA ILE B 450 -15.84 33.14 25.21
C ILE B 450 -16.00 34.64 25.08
N ASP B 451 -15.49 35.39 26.06
CA ASP B 451 -15.58 36.84 26.09
C ASP B 451 -17.03 37.31 25.97
N GLY B 452 -17.92 36.61 26.64
CA GLY B 452 -19.35 36.95 26.63
C GLY B 452 -20.18 36.29 25.57
N VAL B 453 -19.72 36.30 24.32
CA VAL B 453 -20.47 35.70 23.23
C VAL B 453 -20.49 34.19 23.38
N ASP B 454 -21.58 33.57 22.91
CA ASP B 454 -21.71 32.13 22.95
C ASP B 454 -20.77 31.49 21.93
N ILE B 455 -20.54 30.19 22.11
CA ILE B 455 -19.64 29.45 21.22
C ILE B 455 -20.38 28.70 20.13
N ALA B 456 -21.69 28.44 20.30
CA ALA B 456 -22.44 27.76 19.26
C ALA B 456 -22.73 28.66 18.08
N SER B 457 -23.07 29.92 18.34
CA SER B 457 -23.38 30.89 17.27
C SER B 457 -22.11 31.61 16.83
N VAL B 458 -21.11 30.81 16.47
CA VAL B 458 -19.81 31.32 16.05
C VAL B 458 -19.27 30.43 14.95
N SER B 459 -18.66 31.05 13.93
CA SER B 459 -18.00 30.30 12.88
C SER B 459 -16.95 29.38 13.48
N ARG B 460 -17.10 28.07 13.28
CA ARG B 460 -16.24 27.10 13.94
C ARG B 460 -14.78 27.27 13.52
N GLU B 461 -14.53 27.51 12.23
CA GLU B 461 -13.16 27.74 11.77
C GLU B 461 -12.55 28.98 12.39
N SER B 462 -13.29 30.08 12.43
CA SER B 462 -12.80 31.31 13.04
C SER B 462 -12.57 31.18 14.54
N LEU B 463 -13.28 30.27 15.21
CA LEU B 463 -13.04 29.98 16.61
C LEU B 463 -11.78 29.15 16.79
N ARG B 464 -11.67 28.05 16.06
CA ARG B 464 -10.50 27.17 16.20
C ARG B 464 -9.22 27.80 15.66
N ALA B 465 -9.31 28.87 14.87
CA ALA B 465 -8.12 29.50 14.34
C ALA B 465 -7.46 30.46 15.32
N SER B 466 -8.02 30.63 16.53
CA SER B 466 -7.46 31.57 17.49
C SER B 466 -7.32 30.96 18.88
N ILE B 467 -7.00 29.67 18.96
CA ILE B 467 -6.85 29.03 20.26
C ILE B 467 -5.47 28.38 20.38
N GLY B 468 -4.90 27.97 19.25
CA GLY B 468 -3.58 27.35 19.23
C GLY B 468 -3.39 26.24 20.25
N MET B 469 -4.15 25.16 20.11
CA MET B 469 -4.16 24.11 21.11
C MET B 469 -2.98 23.17 20.94
N VAL B 470 -2.48 22.65 22.05
CA VAL B 470 -1.37 21.70 22.03
C VAL B 470 -1.90 20.34 22.45
N LEU B 471 -1.74 19.36 21.56
CA LEU B 471 -2.27 18.02 21.70
C LEU B 471 -1.75 17.35 22.97
N GLN B 472 -2.45 16.28 23.37
CA GLN B 472 -1.89 15.39 24.38
C GLN B 472 -1.01 14.34 23.74
N ASP B 473 -1.46 13.73 22.64
CA ASP B 473 -0.69 12.76 21.89
C ASP B 473 -0.09 13.47 20.67
N THR B 474 1.20 13.77 20.74
CA THR B 474 1.83 14.59 19.71
C THR B 474 1.81 13.89 18.37
N TRP B 475 1.56 14.67 17.31
CA TRP B 475 1.48 14.15 15.96
C TRP B 475 2.36 15.00 15.05
N LEU B 476 3.19 14.36 14.24
CA LEU B 476 4.02 15.02 13.25
C LEU B 476 3.94 14.25 11.93
N PHE B 477 3.74 14.98 10.84
CA PHE B 477 3.72 14.33 9.54
C PHE B 477 5.13 14.06 9.05
N ALA B 478 5.24 13.14 8.09
CA ALA B 478 6.54 12.68 7.61
C ALA B 478 7.17 13.76 6.74
N GLY B 479 7.79 14.73 7.40
CA GLY B 479 8.46 15.82 6.72
C GLY B 479 9.66 16.32 7.49
N THR B 480 10.12 17.52 7.17
CA THR B 480 11.24 18.11 7.88
C THR B 480 10.76 18.81 9.14
N ILE B 481 11.70 19.09 10.04
CA ILE B 481 11.38 19.81 11.27
C ILE B 481 10.88 21.22 10.94
N TYR B 482 11.53 21.88 9.99
CA TYR B 482 11.11 23.22 9.60
C TYR B 482 9.68 23.21 9.04
N ASP B 483 9.37 22.21 8.22
CA ASP B 483 8.00 22.09 7.70
C ASP B 483 7.01 21.84 8.82
N ASN B 484 7.37 20.99 9.78
CA ASN B 484 6.47 20.71 10.89
C ASN B 484 6.20 21.95 11.71
N ILE B 485 7.22 22.78 11.94
CA ILE B 485 7.02 24.01 12.69
C ILE B 485 6.19 25.01 11.89
N ALA B 486 6.49 25.15 10.59
CA ALA B 486 5.76 26.08 9.74
C ALA B 486 4.34 25.60 9.43
N TYR B 487 4.01 24.37 9.80
CA TYR B 487 2.66 23.85 9.59
C TYR B 487 1.60 24.72 10.26
N GLY B 488 1.96 25.46 11.31
CA GLY B 488 1.04 26.38 11.94
C GLY B 488 0.58 27.48 11.01
N ARG B 489 1.51 28.34 10.60
CA ARG B 489 1.23 29.39 9.63
C ARG B 489 2.10 29.16 8.40
N PRO B 490 1.55 28.56 7.33
CA PRO B 490 2.36 28.32 6.14
C PRO B 490 2.86 29.58 5.45
N ASP B 491 2.21 30.72 5.68
CA ASP B 491 2.59 31.98 5.05
C ASP B 491 3.56 32.79 5.91
N ALA B 492 4.38 32.13 6.73
CA ALA B 492 5.35 32.82 7.57
C ALA B 492 6.74 32.68 6.94
N ASP B 493 7.46 33.79 6.88
CA ASP B 493 8.79 33.79 6.29
C ASP B 493 9.77 32.99 7.16
N GLU B 494 10.95 32.75 6.61
CA GLU B 494 11.96 32.01 7.36
C GLU B 494 12.71 32.95 8.30
N ASP B 495 11.96 33.75 9.06
CA ASP B 495 12.49 34.50 10.19
C ASP B 495 11.59 34.48 11.40
N GLU B 496 10.32 34.11 11.26
CA GLU B 496 9.43 33.92 12.40
C GLU B 496 9.38 32.47 12.82
N VAL B 497 9.52 31.54 11.88
CA VAL B 497 9.56 30.12 12.21
C VAL B 497 10.76 29.83 13.12
N ILE B 498 11.93 30.35 12.74
CA ILE B 498 13.12 30.17 13.56
C ILE B 498 12.99 30.90 14.91
N GLU B 499 12.36 32.06 14.93
CA GLU B 499 12.14 32.76 16.19
C GLU B 499 11.25 31.95 17.12
N ALA B 500 10.17 31.36 16.58
CA ALA B 500 9.30 30.52 17.40
C ALA B 500 10.04 29.27 17.87
N ALA B 501 10.86 28.67 17.01
CA ALA B 501 11.64 27.52 17.42
C ALA B 501 12.61 27.86 18.53
N THR B 502 13.26 29.02 18.45
CA THR B 502 14.13 29.48 19.53
C THR B 502 13.33 29.72 20.81
N ALA B 503 12.13 30.30 20.69
CA ALA B 503 11.30 30.52 21.87
C ALA B 503 10.90 29.20 22.52
N ALA B 504 10.58 28.19 21.70
CA ALA B 504 10.24 26.87 22.20
C ALA B 504 11.48 26.00 22.44
N TYR B 505 12.67 26.56 22.23
CA TYR B 505 13.95 25.88 22.46
C TYR B 505 14.14 24.67 21.56
N VAL B 506 13.45 24.63 20.42
CA VAL B 506 13.76 23.63 19.40
C VAL B 506 15.12 23.93 18.80
N ASP B 507 15.44 25.20 18.63
CA ASP B 507 16.75 25.61 18.11
C ASP B 507 17.77 25.59 19.23
N ARG B 508 17.80 24.48 19.99
CA ARG B 508 18.87 24.22 20.94
C ARG B 508 19.37 22.81 20.69
N PHE B 509 18.49 21.93 20.23
CA PHE B 509 18.87 20.61 19.75
C PHE B 509 18.83 20.51 18.23
N VAL B 510 18.27 21.52 17.55
CA VAL B 510 18.40 21.56 16.10
C VAL B 510 19.86 21.65 15.68
N HIS B 511 20.66 22.42 16.42
CA HIS B 511 22.08 22.58 16.12
C HIS B 511 22.90 21.34 16.45
N THR B 512 22.27 20.25 16.86
CA THR B 512 22.95 18.99 17.13
C THR B 512 22.87 18.00 15.97
N LEU B 513 21.76 17.99 15.25
CA LEU B 513 21.61 17.07 14.13
C LEU B 513 22.53 17.48 12.98
N PRO B 514 22.90 16.53 12.11
CA PRO B 514 23.76 16.87 10.97
C PRO B 514 23.16 17.95 10.09
N ASN B 515 21.94 17.71 9.60
CA ASN B 515 21.16 18.71 8.88
C ASN B 515 20.04 19.18 9.80
N GLY B 516 20.20 20.38 10.37
CA GLY B 516 19.35 20.84 11.43
C GLY B 516 17.86 20.93 11.11
N TYR B 517 17.49 21.84 10.22
CA TYR B 517 16.08 22.07 9.93
C TYR B 517 15.56 21.24 8.76
N ASP B 518 16.43 20.49 8.09
CA ASP B 518 16.03 19.63 6.99
C ASP B 518 15.93 18.17 7.41
N THR B 519 15.96 17.90 8.71
CA THR B 519 15.92 16.52 9.20
C THR B 519 14.54 15.92 8.98
N ARG B 520 14.48 14.85 8.18
CA ARG B 520 13.21 14.16 7.95
C ARG B 520 12.79 13.44 9.21
N VAL B 521 11.64 13.84 9.77
CA VAL B 521 11.13 13.28 11.01
C VAL B 521 9.74 12.72 10.76
N ASP B 522 9.49 11.51 11.26
CA ASP B 522 8.20 10.86 11.16
C ASP B 522 7.57 10.75 12.54
N ASP B 523 6.33 10.28 12.57
CA ASP B 523 5.59 10.12 13.81
C ASP B 523 5.86 8.78 14.51
N ASP B 524 6.69 7.92 13.91
CA ASP B 524 6.91 6.57 14.41
C ASP B 524 8.34 6.38 14.89
N GLY B 525 8.93 7.41 15.49
CA GLY B 525 10.20 7.25 16.16
C GLY B 525 11.44 7.52 15.33
N GLY B 526 11.54 8.73 14.77
CA GLY B 526 12.75 9.12 14.07
C GLY B 526 13.91 9.37 14.99
N ALA B 527 14.85 10.22 14.57
CA ALA B 527 16.00 10.57 15.39
C ALA B 527 15.66 11.58 16.48
N ILE B 528 14.38 11.81 16.76
CA ILE B 528 13.93 12.78 17.74
C ILE B 528 13.17 12.05 18.84
N SER B 529 13.55 12.33 20.09
CA SER B 529 12.87 11.72 21.22
C SER B 529 11.52 12.39 21.46
N ALA B 530 10.71 11.75 22.30
CA ALA B 530 9.37 12.27 22.58
C ALA B 530 9.42 13.63 23.25
N GLY B 531 10.35 13.82 24.18
CA GLY B 531 10.49 15.12 24.83
C GLY B 531 10.83 16.21 23.85
N GLU B 532 11.76 15.93 22.93
CA GLU B 532 12.06 16.90 21.87
C GLU B 532 10.91 17.01 20.87
N LYS B 533 10.16 15.92 20.68
CA LYS B 533 9.02 15.95 19.78
C LYS B 533 7.94 16.90 20.27
N GLN B 534 7.71 16.95 21.58
CA GLN B 534 6.72 17.86 22.14
C GLN B 534 7.12 19.31 21.91
N LEU B 535 8.43 19.60 21.90
CA LEU B 535 8.88 20.97 21.65
C LEU B 535 8.51 21.43 20.25
N ILE B 536 8.57 20.53 19.27
CA ILE B 536 8.17 20.87 17.91
C ILE B 536 6.69 21.25 17.87
N THR B 537 5.85 20.48 18.58
CA THR B 537 4.43 20.80 18.64
C THR B 537 4.20 22.15 19.32
N ILE B 538 4.95 22.42 20.39
CA ILE B 538 4.82 23.70 21.08
C ILE B 538 5.18 24.85 20.15
N ALA B 539 6.28 24.69 19.41
CA ALA B 539 6.70 25.73 18.47
C ALA B 539 5.66 25.93 17.37
N ARG B 540 5.10 24.83 16.85
CA ARG B 540 4.09 24.93 15.82
C ARG B 540 2.84 25.66 16.33
N ALA B 541 2.43 25.36 17.56
CA ALA B 541 1.27 26.01 18.13
C ALA B 541 1.53 27.49 18.41
N VAL B 542 2.75 27.83 18.83
CA VAL B 542 3.06 29.22 19.14
C VAL B 542 3.36 30.06 17.90
N LEU B 543 3.69 29.42 16.77
CA LEU B 543 3.95 30.18 15.55
C LEU B 543 2.67 30.83 15.05
N ALA B 544 1.58 30.07 14.96
CA ALA B 544 0.28 30.62 14.60
C ALA B 544 -0.26 31.34 15.84
N ARG B 545 -0.07 32.66 15.87
CA ARG B 545 -0.35 33.51 17.03
C ARG B 545 -1.75 33.29 17.56
N PRO B 546 -1.90 32.69 18.74
CA PRO B 546 -3.22 32.49 19.33
C PRO B 546 -3.61 33.63 20.25
N LYS B 547 -4.90 33.67 20.57
CA LYS B 547 -5.44 34.66 21.51
C LYS B 547 -5.65 34.10 22.90
N LEU B 548 -5.79 32.78 23.03
CA LEU B 548 -5.85 32.13 24.33
C LEU B 548 -5.33 30.71 24.18
N LEU B 549 -4.31 30.36 24.95
CA LEU B 549 -3.61 29.10 24.76
C LEU B 549 -4.20 28.00 25.64
N VAL B 550 -4.26 26.79 25.10
CA VAL B 550 -4.63 25.60 25.86
C VAL B 550 -3.64 24.50 25.52
N LEU B 551 -3.03 23.94 26.56
CA LEU B 551 -1.91 23.01 26.43
C LEU B 551 -2.27 21.74 27.20
N ASP B 552 -2.62 20.66 26.50
CA ASP B 552 -2.99 19.42 27.16
C ASP B 552 -1.76 18.53 27.23
N GLU B 553 -1.12 18.49 28.40
CA GLU B 553 0.10 17.71 28.62
C GLU B 553 1.18 18.09 27.60
N ALA B 554 1.40 19.40 27.46
CA ALA B 554 2.36 19.90 26.49
C ALA B 554 3.78 19.47 26.84
N THR B 555 4.14 19.51 28.12
CA THR B 555 5.51 19.21 28.54
C THR B 555 5.55 18.00 29.46
N SER B 556 4.82 16.94 29.10
CA SER B 556 4.82 15.73 29.92
C SER B 556 6.19 15.08 29.94
N SER B 557 6.87 15.04 28.79
CA SER B 557 8.16 14.37 28.66
C SER B 557 9.33 15.35 28.69
N VAL B 558 9.08 16.61 29.07
CA VAL B 558 10.12 17.63 29.13
C VAL B 558 10.50 17.84 30.59
N ASP B 559 11.80 17.90 30.85
CA ASP B 559 12.29 18.10 32.21
C ASP B 559 11.83 19.44 32.76
N THR B 560 11.79 19.54 34.09
CA THR B 560 11.44 20.81 34.73
C THR B 560 12.64 21.73 34.86
N ARG B 561 13.38 21.89 33.76
CA ARG B 561 14.38 22.94 33.63
C ARG B 561 14.36 23.60 32.26
N THR B 562 13.89 22.91 31.22
CA THR B 562 13.69 23.50 29.91
C THR B 562 12.30 24.12 29.80
N GLU B 563 11.30 23.55 30.46
CA GLU B 563 9.98 24.14 30.47
C GLU B 563 9.98 25.49 31.20
N LEU B 564 10.84 25.64 32.21
CA LEU B 564 10.98 26.94 32.87
C LEU B 564 11.54 27.98 31.90
N LEU B 565 12.55 27.58 31.11
CA LEU B 565 13.10 28.49 30.11
C LEU B 565 12.05 28.84 29.05
N ILE B 566 11.25 27.85 28.65
CA ILE B 566 10.19 28.10 27.67
C ILE B 566 9.17 29.09 28.24
N ALA B 567 8.78 28.91 29.50
CA ALA B 567 7.86 29.84 30.14
C ALA B 567 8.44 31.24 30.22
N HIS B 568 9.71 31.37 30.60
CA HIS B 568 10.35 32.68 30.62
C HIS B 568 10.41 33.33 29.24
N ALA B 569 10.70 32.53 28.20
CA ALA B 569 10.81 33.07 26.86
C ALA B 569 9.45 33.49 26.30
N MET B 570 8.39 32.77 26.65
CA MET B 570 7.05 33.09 26.16
C MET B 570 6.25 33.93 27.14
N ALA B 571 6.87 34.38 28.24
CA ALA B 571 6.18 35.24 29.19
C ALA B 571 5.57 36.46 28.51
N GLU B 572 6.27 37.07 27.57
CA GLU B 572 5.70 38.23 26.89
C GLU B 572 4.55 37.84 25.97
N LEU B 573 4.67 36.70 25.28
CA LEU B 573 3.60 36.28 24.38
C LEU B 573 2.33 35.95 25.15
N ARG B 574 2.42 35.09 26.16
CA ARG B 574 1.27 34.76 26.98
C ARG B 574 1.21 35.61 28.25
N ARG B 575 1.30 36.93 28.06
CA ARG B 575 1.25 37.86 29.18
C ARG B 575 -0.17 38.35 29.45
N ASP B 576 -0.96 38.56 28.41
CA ASP B 576 -2.33 39.04 28.53
C ASP B 576 -3.31 38.06 27.89
N ARG B 577 -2.93 36.80 27.77
CA ARG B 577 -3.77 35.76 27.20
C ARG B 577 -3.99 34.66 28.23
N THR B 578 -5.23 34.19 28.33
CA THR B 578 -5.54 33.08 29.22
C THR B 578 -4.91 31.80 28.70
N SER B 579 -4.72 30.84 29.60
CA SER B 579 -4.11 29.58 29.23
C SER B 579 -4.63 28.47 30.13
N PHE B 580 -5.17 27.43 29.51
CA PHE B 580 -5.62 26.23 30.22
C PHE B 580 -4.51 25.19 30.12
N ILE B 581 -3.79 24.99 31.20
CA ILE B 581 -2.68 24.03 31.25
C ILE B 581 -3.18 22.77 31.94
N ILE B 582 -3.04 21.63 31.27
CA ILE B 582 -3.36 20.33 31.84
C ILE B 582 -2.06 19.54 31.96
N ALA B 583 -1.76 19.10 33.18
CA ALA B 583 -0.53 18.34 33.41
C ALA B 583 -0.69 17.51 34.67
N HIS B 584 -0.18 16.28 34.63
CA HIS B 584 -0.13 15.44 35.81
C HIS B 584 1.03 15.77 36.72
N ARG B 585 1.92 16.66 36.28
CA ARG B 585 3.11 17.05 37.03
C ARG B 585 2.81 18.31 37.81
N LEU B 586 2.91 18.23 39.15
CA LEU B 586 2.52 19.33 40.01
C LEU B 586 3.43 20.55 39.88
N SER B 587 4.66 20.38 39.40
CA SER B 587 5.60 21.50 39.32
C SER B 587 5.34 22.44 38.17
N THR B 588 4.46 22.07 37.23
CA THR B 588 4.13 22.95 36.12
C THR B 588 2.93 23.84 36.44
N ILE B 589 1.95 23.33 37.18
CA ILE B 589 0.78 24.14 37.54
C ILE B 589 1.07 25.14 38.64
N ARG B 590 2.24 25.07 39.27
CA ARG B 590 2.60 26.04 40.28
C ARG B 590 2.77 27.42 39.65
N ASP B 591 2.55 28.46 40.46
CA ASP B 591 2.55 29.85 40.00
C ASP B 591 1.51 30.04 38.90
N ALA B 592 0.31 29.52 39.14
CA ALA B 592 -0.79 29.62 38.19
C ALA B 592 -2.09 29.60 38.97
N ASP B 593 -2.81 30.71 38.98
CA ASP B 593 -4.05 30.80 39.72
C ASP B 593 -5.12 29.92 39.07
N LEU B 594 -6.22 29.72 39.81
CA LEU B 594 -7.35 28.91 39.36
C LEU B 594 -6.90 27.47 39.04
N ILE B 595 -6.49 26.79 40.10
CA ILE B 595 -6.17 25.36 40.02
C ILE B 595 -7.46 24.59 40.27
N LEU B 596 -7.92 23.85 39.28
CA LEU B 596 -9.15 23.07 39.35
C LEU B 596 -8.79 21.60 39.52
N VAL B 597 -9.03 21.07 40.71
CA VAL B 597 -8.94 19.63 40.93
C VAL B 597 -10.27 19.01 40.52
N MET B 598 -10.23 18.07 39.58
CA MET B 598 -11.45 17.54 39.01
C MET B 598 -11.36 16.01 38.95
N ASP B 599 -12.43 15.35 39.38
CA ASP B 599 -12.51 13.91 39.45
C ASP B 599 -13.84 13.43 38.87
N SER B 600 -13.80 12.32 38.14
CA SER B 600 -14.99 11.65 37.61
C SER B 600 -15.85 12.57 36.75
N GLY B 601 -15.28 13.64 36.22
CA GLY B 601 -15.99 14.58 35.39
C GLY B 601 -16.49 15.81 36.11
N ARG B 602 -16.58 15.77 37.43
CA ARG B 602 -16.97 16.93 38.23
C ARG B 602 -15.73 17.61 38.80
N ILE B 603 -15.93 18.78 39.38
CA ILE B 603 -14.86 19.56 39.97
C ILE B 603 -14.98 19.47 41.49
N ILE B 604 -13.97 18.91 42.14
CA ILE B 604 -14.03 18.71 43.59
C ILE B 604 -13.78 20.02 44.32
N GLU B 605 -12.74 20.75 43.91
CA GLU B 605 -12.39 22.01 44.57
C GLU B 605 -11.65 22.89 43.59
N ARG B 606 -11.56 24.18 43.92
CA ARG B 606 -10.89 25.15 43.08
C ARG B 606 -10.20 26.17 43.97
N GLY B 607 -9.58 27.16 43.35
CA GLY B 607 -8.83 28.18 44.05
C GLY B 607 -7.36 28.12 43.71
N THR B 608 -6.61 29.07 44.28
CA THR B 608 -5.19 29.15 44.06
C THR B 608 -4.46 28.06 44.85
N HIS B 609 -3.13 28.03 44.72
CA HIS B 609 -2.34 27.01 45.39
C HIS B 609 -2.43 27.14 46.91
N GLU B 610 -2.35 28.37 47.41
CA GLU B 610 -2.37 28.58 48.86
C GLU B 610 -3.70 28.15 49.47
N GLU B 611 -4.81 28.54 48.83
CA GLU B 611 -6.11 28.14 49.35
C GLU B 611 -6.29 26.63 49.32
N LEU B 612 -5.87 25.98 48.23
CA LEU B 612 -5.98 24.53 48.14
C LEU B 612 -5.15 23.84 49.21
N LEU B 613 -3.93 24.34 49.45
CA LEU B 613 -3.11 23.77 50.52
C LEU B 613 -3.70 24.02 51.89
N ALA B 614 -4.40 25.15 52.06
CA ALA B 614 -4.99 25.46 53.36
C ALA B 614 -6.04 24.43 53.76
N ARG B 615 -6.98 24.13 52.87
CA ARG B 615 -8.00 23.13 53.14
C ARG B 615 -7.45 21.77 52.70
N HIS B 616 -6.89 21.05 53.66
CA HIS B 616 -6.31 19.77 53.36
C HIS B 616 -7.33 18.87 52.76
N GLY B 617 -6.97 18.26 51.65
CA GLY B 617 -7.89 17.38 50.98
C GLY B 617 -7.58 17.42 49.52
N ARG B 618 -7.81 16.27 48.88
CA ARG B 618 -7.58 16.09 47.48
C ARG B 618 -6.24 16.59 47.04
N TYR B 619 -6.21 17.86 46.66
CA TYR B 619 -5.01 18.50 46.22
C TYR B 619 -3.91 18.35 47.22
N TRP B 620 -4.20 18.65 48.48
CA TRP B 620 -3.22 18.53 49.55
C TRP B 620 -2.64 17.14 49.56
N GLU B 621 -3.49 16.16 49.86
CA GLU B 621 -3.13 14.75 49.80
C GLU B 621 -2.34 14.44 48.53
N MET B 622 -2.74 15.01 47.40
CA MET B 622 -2.04 14.77 46.15
C MET B 622 -0.62 15.32 46.19
N THR B 623 -0.44 16.53 46.73
CA THR B 623 0.89 17.12 46.77
C THR B 623 1.77 16.48 47.83
N ARG B 624 1.18 15.92 48.89
CA ARG B 624 1.97 15.12 49.82
C ARG B 624 2.42 13.81 49.17
N VAL B 625 1.55 13.21 48.36
CA VAL B 625 1.90 11.97 47.67
C VAL B 625 2.97 12.24 46.62
N HIS B 626 2.89 13.38 45.94
CA HIS B 626 3.86 13.71 44.90
C HIS B 626 5.26 13.81 45.47
N LEU B 627 5.41 14.47 46.62
CA LEU B 627 6.70 14.56 47.28
C LEU B 627 6.96 13.29 48.08
N GLY B 628 7.99 13.31 48.93
CA GLY B 628 8.31 12.16 49.74
C GLY B 628 7.23 11.78 50.72
N GLY B 629 6.54 10.68 50.46
CA GLY B 629 5.48 10.23 51.32
C GLY B 629 4.51 9.35 50.58
N ILE B 630 3.53 8.86 51.32
CA ILE B 630 2.49 7.99 50.77
C ILE B 630 1.26 8.00 51.66
PG ANP C . 14.96 12.86 26.58
O1G ANP C . 14.44 13.29 25.24
O2G ANP C . 14.20 13.64 27.71
O3G ANP C . 14.75 11.31 26.77
PB ANP C . 17.53 11.93 26.13
O1B ANP C . 18.49 11.52 27.19
O2B ANP C . 16.60 10.73 25.79
N3B ANP C . 16.61 13.23 26.66
PA ANP C . 18.70 11.23 23.80
O1A ANP C . 19.66 10.26 24.36
O2A ANP C . 17.38 10.61 23.32
O3A ANP C . 18.32 12.35 24.85
O5' ANP C . 19.43 12.02 22.64
C5' ANP C . 20.78 12.47 22.81
C4' ANP C . 21.16 13.36 21.64
O4' ANP C . 21.47 12.54 20.49
C3' ANP C . 20.08 14.34 21.19
O3' ANP C . 20.65 15.62 20.89
C2' ANP C . 19.49 13.68 19.95
O2' ANP C . 18.98 14.63 19.02
C1' ANP C . 20.71 12.97 19.38
N9 ANP C . 20.38 11.80 18.58
C8 ANP C . 19.69 10.69 18.97
N7 ANP C . 19.54 9.78 18.03
C5 ANP C . 20.21 10.33 16.94
C6 ANP C . 20.41 9.86 15.63
N6 ANP C . 19.97 8.70 15.18
N1 ANP C . 21.11 10.67 14.79
C2 ANP C . 21.56 11.84 15.24
N3 ANP C . 21.42 12.39 16.45
C4 ANP C . 20.73 11.57 17.27
MG MG D . 15.01 9.62 25.59
PG ANP E . -5.72 11.41 30.74
O1G ANP E . -5.27 11.94 32.06
O2G ANP E . -5.49 12.52 29.64
O3G ANP E . -4.88 10.13 30.36
PB ANP E . -8.28 12.38 30.54
O1B ANP E . -7.72 13.14 29.39
O2B ANP E . -8.26 13.29 31.81
N3B ANP E . -7.36 11.01 30.82
PA ANP E . -10.19 11.75 28.73
O1A ANP E . -10.54 13.03 28.08
O2A ANP E . -9.05 10.98 28.04
O3A ANP E . -9.74 11.96 30.23
O5' ANP E . -11.51 10.87 28.81
C5' ANP E . -12.14 10.61 30.08
C4' ANP E . -13.22 9.58 29.88
O4' ANP E . -13.78 9.70 28.55
C3' ANP E . -12.76 8.13 30.02
O3' ANP E . -13.77 7.34 30.66
C2' ANP E . -12.55 7.68 28.57
O2' ANP E . -12.74 6.29 28.40
C1' ANP E . -13.65 8.46 27.86
N9 ANP E . -13.38 8.74 26.45
C8 ANP E . -12.37 9.51 25.95
N7 ANP E . -12.36 9.59 24.64
C5 ANP E . -13.45 8.83 24.26
C6 ANP E . -14.00 8.51 23.01
N6 ANP E . -13.49 8.94 21.84
N1 ANP E . -15.09 7.71 22.97
C2 ANP E . -15.60 7.28 24.13
N3 ANP E . -15.17 7.51 25.38
C4 ANP E . -14.09 8.30 25.37
MG MG F . -6.35 12.98 27.91
#